data_7DET
#
_entry.id   7DET
#
_cell.length_a   94.970
_cell.length_b   42.254
_cell.length_c   104.414
_cell.angle_alpha   90.000
_cell.angle_beta   104.570
_cell.angle_gamma   90.000
#
_symmetry.space_group_name_H-M   'P 1 21 1'
#
loop_
_entity.id
_entity.type
_entity.pdbx_description
1 polymer 'Spike protein S1'
2 polymer 'antibody scFv'
3 non-polymer 2-acetamido-2-deoxy-beta-D-glucopyranose
4 water water
#
loop_
_entity_poly.entity_id
_entity_poly.type
_entity_poly.pdbx_seq_one_letter_code
_entity_poly.pdbx_strand_id
1 'polypeptide(L)'
;NLCPFGEVFNATRFASVYAWNRKRISNCVADYSVLYNSASFSTFKCYGVSPTKLNDLCFTNVYADSFVIRGDEVRQIAPG
QTGKIADYNYKLPDDFTGCVIAWNSNNLDSKVGGNYNYLYRLFRKSNLKPFERDISTEIYQAGSTPCNGVEGFNCYFPLQ
SYGFQPTNGVGYQPYRVVVLSFELLHAPATVCGPKKSAAAHHHHHH
;
A,C
2 'polypeptide(L)'
;MKFLVNVALVFMVVYISYIYADGSQVQLVQSGAEVKKPGASVKLSCKASGYSFTSYWVNWVRQAPGQGLEWIGMIHPSDS
ETRLNQKFKDRVTITVDKSTSTAYMELSSLRSEDTAVYYCARADGYEWYFDVWGRGTLVTVSSGGGGSGGGGSGGGGSDI
VLTQSPASLAVSPGQRATITCRASESVDSYGNSFMHWYQQKPGQPPKLLIYRASNLESGIPARFSGSGSGTDFTLTINPV
EANDVANYYCQQSNEDPWTFGQGTKVEIKAAAHHHHHHHH
;
B,D
#
# COMPACT_ATOMS: atom_id res chain seq x y z
N LEU A 2 -18.60 19.52 42.00
CA LEU A 2 -17.31 20.17 42.23
C LEU A 2 -16.16 19.17 42.12
N CYS A 3 -16.44 17.91 42.43
CA CYS A 3 -15.43 16.88 42.28
C CYS A 3 -15.17 16.64 40.79
N PRO A 4 -13.93 16.71 40.32
CA PRO A 4 -13.68 16.59 38.88
C PRO A 4 -13.81 15.16 38.37
N PHE A 5 -15.01 14.57 38.50
CA PHE A 5 -15.25 13.27 37.90
C PHE A 5 -15.23 13.34 36.38
N GLY A 6 -15.58 14.49 35.81
CA GLY A 6 -15.53 14.62 34.36
C GLY A 6 -14.14 14.45 33.80
N GLU A 7 -13.13 14.91 34.55
CA GLU A 7 -11.74 14.72 34.14
C GLU A 7 -11.43 13.25 33.92
N VAL A 8 -11.97 12.38 34.78
CA VAL A 8 -11.68 10.95 34.69
C VAL A 8 -12.59 10.29 33.66
N PHE A 9 -13.91 10.48 33.79
CA PHE A 9 -14.85 9.74 32.95
C PHE A 9 -14.82 10.21 31.51
N ASN A 10 -14.51 11.49 31.28
CA ASN A 10 -14.52 12.06 29.94
C ASN A 10 -13.11 12.39 29.46
N ALA A 11 -12.10 11.69 29.98
CA ALA A 11 -10.76 11.82 29.43
C ALA A 11 -10.75 11.36 27.98
N THR A 12 -9.98 12.07 27.14
CA THR A 12 -9.96 11.76 25.72
C THR A 12 -9.48 10.33 25.47
N ARG A 13 -8.41 9.93 26.14
CA ARG A 13 -7.89 8.59 26.04
C ARG A 13 -7.66 8.03 27.44
N PHE A 14 -7.75 6.71 27.56
CA PHE A 14 -7.60 6.02 28.83
C PHE A 14 -6.28 5.25 28.86
N ALA A 15 -5.82 4.91 30.06
CA ALA A 15 -4.62 4.11 30.19
C ALA A 15 -4.87 2.65 29.77
N SER A 16 -3.79 1.98 29.39
CA SER A 16 -3.83 0.53 29.28
C SER A 16 -4.05 -0.10 30.64
N VAL A 17 -4.73 -1.24 30.66
CA VAL A 17 -5.09 -1.83 31.94
C VAL A 17 -3.86 -2.20 32.77
N TYR A 18 -2.74 -2.57 32.12
CA TYR A 18 -1.55 -2.94 32.90
C TYR A 18 -0.98 -1.72 33.61
N ALA A 19 -1.03 -0.56 32.97
CA ALA A 19 -0.59 0.70 33.56
C ALA A 19 -1.77 1.56 33.96
N TRP A 20 -2.71 0.97 34.72
CA TRP A 20 -3.94 1.67 35.05
C TRP A 20 -3.66 3.00 35.75
N ASN A 21 -4.50 3.99 35.47
CA ASN A 21 -4.41 5.31 36.07
C ASN A 21 -5.13 5.32 37.41
N ARG A 22 -4.73 6.25 38.26
CA ARG A 22 -5.42 6.48 39.53
C ARG A 22 -5.46 7.98 39.81
N LYS A 23 -6.66 8.52 40.00
CA LYS A 23 -6.84 9.91 40.39
C LYS A 23 -7.30 10.00 41.84
N ARG A 24 -6.60 10.81 42.63
CA ARG A 24 -7.00 11.08 44.00
C ARG A 24 -7.95 12.27 44.03
N ILE A 25 -9.11 12.08 44.66
CA ILE A 25 -10.17 13.09 44.71
C ILE A 25 -10.36 13.52 46.15
N SER A 26 -10.31 14.82 46.40
CA SER A 26 -10.50 15.36 47.74
C SER A 26 -11.02 16.79 47.65
N ASN A 27 -11.52 17.28 48.79
CA ASN A 27 -11.94 18.67 48.96
C ASN A 27 -12.91 19.10 47.87
N CYS A 28 -14.04 18.41 47.78
CA CYS A 28 -15.04 18.70 46.76
C CYS A 28 -16.33 17.99 47.12
N VAL A 29 -17.39 18.32 46.39
CA VAL A 29 -18.70 17.73 46.55
C VAL A 29 -18.98 16.83 45.35
N ALA A 30 -19.36 15.58 45.62
CA ALA A 30 -19.62 14.59 44.58
C ALA A 30 -21.10 14.25 44.58
N ASP A 31 -21.74 14.40 43.42
CA ASP A 31 -23.13 13.96 43.25
C ASP A 31 -23.05 12.63 42.48
N TYR A 32 -22.99 11.54 43.24
CA TYR A 32 -22.94 10.23 42.62
C TYR A 32 -24.21 9.92 41.85
N SER A 33 -25.33 10.54 42.25
CA SER A 33 -26.57 10.35 41.49
C SER A 33 -26.43 10.84 40.07
N VAL A 34 -25.62 11.87 39.84
CA VAL A 34 -25.31 12.28 38.47
C VAL A 34 -24.76 11.11 37.68
N LEU A 35 -23.91 10.29 38.32
CA LEU A 35 -23.28 9.19 37.61
C LEU A 35 -24.25 8.03 37.40
N TYR A 36 -24.90 7.54 38.46
CA TYR A 36 -25.79 6.40 38.28
C TYR A 36 -26.94 6.77 37.36
N ASN A 37 -27.86 7.64 37.77
CA ASN A 37 -28.86 8.05 36.78
C ASN A 37 -28.20 8.94 35.75
N SER A 38 -27.23 8.34 35.03
CA SER A 38 -26.74 8.80 33.74
C SER A 38 -26.69 7.57 32.86
N ALA A 39 -27.36 7.62 31.72
CA ALA A 39 -27.55 6.42 30.91
C ALA A 39 -26.21 5.93 30.35
N SER A 40 -26.28 4.77 29.71
CA SER A 40 -25.22 4.18 28.90
C SER A 40 -24.04 3.64 29.69
N PHE A 41 -24.04 3.70 31.02
CA PHE A 41 -23.17 2.81 31.79
C PHE A 41 -23.77 1.42 31.71
N SER A 42 -23.05 0.48 31.08
CA SER A 42 -23.52 -0.89 31.05
C SER A 42 -23.21 -1.65 32.33
N THR A 43 -22.32 -1.13 33.17
CA THR A 43 -22.01 -1.68 34.47
C THR A 43 -21.94 -0.55 35.48
N PHE A 44 -22.62 -0.71 36.62
CA PHE A 44 -22.52 0.22 37.75
C PHE A 44 -22.84 -0.58 39.01
N LYS A 45 -21.84 -1.29 39.51
CA LYS A 45 -22.01 -2.20 40.64
C LYS A 45 -21.16 -1.73 41.81
N CYS A 46 -21.80 -1.53 42.96
CA CYS A 46 -21.11 -1.12 44.16
C CYS A 46 -21.12 -2.26 45.18
N TYR A 47 -20.05 -2.33 45.96
CA TYR A 47 -19.84 -3.41 46.92
C TYR A 47 -19.65 -2.80 48.30
N GLY A 48 -20.45 -3.24 49.27
CA GLY A 48 -20.42 -2.68 50.60
C GLY A 48 -21.15 -1.35 50.77
N VAL A 49 -21.58 -0.73 49.67
CA VAL A 49 -22.32 0.53 49.70
C VAL A 49 -23.32 0.49 48.55
N SER A 50 -24.37 1.25 48.71
CA SER A 50 -25.29 1.47 47.61
C SER A 50 -24.97 2.80 46.92
N PRO A 51 -25.21 2.89 45.61
CA PRO A 51 -24.94 4.16 44.92
C PRO A 51 -25.64 5.35 45.53
N THR A 52 -26.88 5.17 46.02
CA THR A 52 -27.63 6.28 46.58
C THR A 52 -27.24 6.58 48.02
N LYS A 53 -26.72 5.59 48.75
CA LYS A 53 -26.15 5.86 50.07
C LYS A 53 -24.89 6.69 49.97
N LEU A 54 -24.21 6.66 48.82
CA LEU A 54 -22.97 7.40 48.65
C LEU A 54 -23.17 8.90 48.81
N ASN A 55 -24.35 9.40 48.43
CA ASN A 55 -24.62 10.83 48.57
C ASN A 55 -24.69 11.25 50.03
N ASP A 56 -24.95 10.32 50.95
CA ASP A 56 -25.05 10.63 52.37
C ASP A 56 -23.73 10.49 53.12
N LEU A 57 -22.71 9.88 52.51
CA LEU A 57 -21.45 9.62 53.18
C LEU A 57 -20.44 10.72 52.87
N CYS A 58 -19.50 10.91 53.81
CA CYS A 58 -18.36 11.78 53.63
C CYS A 58 -17.09 10.96 53.77
N PHE A 59 -16.12 11.19 52.89
CA PHE A 59 -14.87 10.46 52.91
C PHE A 59 -13.70 11.42 52.93
N THR A 60 -12.56 10.93 53.45
CA THR A 60 -11.33 11.70 53.40
C THR A 60 -10.77 11.77 51.98
N ASN A 61 -10.91 10.68 51.22
CA ASN A 61 -10.35 10.59 49.88
C ASN A 61 -11.16 9.60 49.06
N VAL A 62 -11.43 9.95 47.81
CA VAL A 62 -11.95 9.02 46.81
C VAL A 62 -10.85 8.79 45.78
N TYR A 63 -10.65 7.54 45.41
CA TYR A 63 -9.70 7.18 44.37
C TYR A 63 -10.47 6.61 43.17
N ALA A 64 -10.21 7.17 41.99
CA ALA A 64 -10.82 6.69 40.74
C ALA A 64 -9.73 6.10 39.87
N ASP A 65 -9.73 4.77 39.74
CA ASP A 65 -8.84 4.06 38.82
C ASP A 65 -9.53 3.89 37.47
N SER A 66 -8.79 4.10 36.39
CA SER A 66 -9.38 4.04 35.06
C SER A 66 -8.46 3.32 34.08
N PHE A 67 -9.05 2.53 33.18
CA PHE A 67 -8.31 1.74 32.21
C PHE A 67 -9.31 1.22 31.17
N VAL A 68 -8.78 0.54 30.16
CA VAL A 68 -9.60 -0.06 29.11
C VAL A 68 -9.31 -1.56 29.07
N ILE A 69 -10.38 -2.35 28.92
CA ILE A 69 -10.30 -3.79 28.74
C ILE A 69 -11.29 -4.22 27.66
N ARG A 70 -11.28 -5.50 27.34
CA ARG A 70 -12.31 -6.11 26.49
C ARG A 70 -13.63 -6.11 27.22
N GLY A 71 -14.73 -6.08 26.44
CA GLY A 71 -16.04 -6.21 27.04
C GLY A 71 -16.19 -7.48 27.86
N ASP A 72 -15.64 -8.59 27.36
CA ASP A 72 -15.71 -9.88 28.05
C ASP A 72 -14.98 -9.87 29.39
N GLU A 73 -14.12 -8.88 29.63
CA GLU A 73 -13.27 -8.86 30.82
C GLU A 73 -13.84 -8.01 31.95
N VAL A 74 -14.89 -7.23 31.70
CA VAL A 74 -15.45 -6.38 32.75
C VAL A 74 -15.85 -7.20 34.00
N ARG A 75 -16.39 -8.40 33.80
CA ARG A 75 -16.77 -9.20 34.97
C ARG A 75 -15.58 -9.52 35.86
N GLN A 76 -14.35 -9.42 35.33
CA GLN A 76 -13.16 -9.67 36.15
C GLN A 76 -12.84 -8.52 37.09
N ILE A 77 -13.34 -7.32 36.82
CA ILE A 77 -13.19 -6.17 37.72
C ILE A 77 -14.23 -6.32 38.83
N ALA A 78 -13.99 -7.28 39.72
CA ALA A 78 -14.93 -7.61 40.78
C ALA A 78 -14.17 -8.41 41.83
N PRO A 79 -14.59 -8.36 43.08
CA PRO A 79 -13.93 -9.17 44.11
C PRO A 79 -14.11 -10.65 43.85
N GLY A 80 -13.01 -11.39 43.95
CA GLY A 80 -13.05 -12.83 43.90
C GLY A 80 -12.98 -13.44 42.51
N GLN A 81 -12.82 -12.63 41.47
CA GLN A 81 -12.72 -13.16 40.12
C GLN A 81 -11.26 -13.45 39.77
N THR A 82 -11.10 -14.38 38.84
CA THR A 82 -9.80 -14.72 38.26
C THR A 82 -9.88 -14.55 36.74
N GLY A 83 -8.74 -14.72 36.08
CA GLY A 83 -8.57 -14.41 34.67
C GLY A 83 -7.34 -13.55 34.46
N LYS A 84 -7.01 -13.34 33.16
CA LYS A 84 -5.76 -12.66 32.86
C LYS A 84 -5.76 -11.24 33.39
N ILE A 85 -6.91 -10.58 33.45
CA ILE A 85 -6.96 -9.21 33.89
C ILE A 85 -6.83 -9.13 35.40
N ALA A 86 -7.71 -9.83 36.12
CA ALA A 86 -7.61 -9.84 37.58
C ALA A 86 -6.27 -10.38 38.05
N ASP A 87 -5.74 -11.39 37.35
CA ASP A 87 -4.51 -12.03 37.82
C ASP A 87 -3.27 -11.22 37.50
N TYR A 88 -3.23 -10.57 36.35
CA TYR A 88 -1.98 -9.98 35.89
C TYR A 88 -2.01 -8.47 35.70
N ASN A 89 -3.17 -7.83 35.80
CA ASN A 89 -3.28 -6.43 35.40
C ASN A 89 -3.89 -5.54 36.46
N TYR A 90 -5.09 -5.87 36.92
CA TYR A 90 -5.78 -5.06 37.92
C TYR A 90 -6.58 -6.00 38.82
N LYS A 91 -6.20 -6.09 40.08
CA LYS A 91 -6.79 -7.03 41.02
C LYS A 91 -7.54 -6.27 42.10
N LEU A 92 -8.86 -6.49 42.17
CA LEU A 92 -9.68 -6.00 43.27
C LEU A 92 -9.63 -7.00 44.42
N PRO A 93 -9.53 -6.54 45.66
CA PRO A 93 -9.47 -7.47 46.79
C PRO A 93 -10.78 -8.22 46.95
N ASP A 94 -10.71 -9.37 47.63
CA ASP A 94 -11.91 -10.12 47.94
C ASP A 94 -12.89 -9.29 48.74
N ASP A 95 -12.38 -8.38 49.57
CA ASP A 95 -13.22 -7.61 50.48
C ASP A 95 -13.32 -6.16 50.03
N PHE A 96 -13.57 -5.98 48.74
CA PHE A 96 -13.58 -4.65 48.14
C PHE A 96 -14.84 -3.87 48.56
N THR A 97 -14.64 -2.62 48.96
CA THR A 97 -15.72 -1.68 49.17
C THR A 97 -15.54 -0.54 48.18
N GLY A 98 -16.55 -0.28 47.37
CA GLY A 98 -16.44 0.72 46.32
C GLY A 98 -17.33 0.33 45.16
N CYS A 99 -17.15 1.05 44.05
CA CYS A 99 -18.00 0.85 42.88
C CYS A 99 -17.15 0.56 41.65
N VAL A 100 -17.72 -0.26 40.76
CA VAL A 100 -17.14 -0.53 39.45
C VAL A 100 -18.11 -0.01 38.40
N ILE A 101 -17.61 0.86 37.52
CA ILE A 101 -18.39 1.50 36.48
C ILE A 101 -17.70 1.27 35.13
N ALA A 102 -18.46 0.78 34.16
CA ALA A 102 -17.90 0.55 32.84
C ALA A 102 -18.90 0.97 31.76
N TRP A 103 -18.39 1.20 30.56
CA TRP A 103 -19.25 1.50 29.44
C TRP A 103 -18.52 1.18 28.15
N ASN A 104 -19.29 0.89 27.12
CA ASN A 104 -18.73 0.58 25.81
C ASN A 104 -18.03 1.80 25.24
N SER A 105 -16.81 1.62 24.77
CA SER A 105 -16.00 2.70 24.22
C SER A 105 -15.56 2.41 22.78
N ASN A 106 -16.30 1.55 22.08
CA ASN A 106 -15.92 1.16 20.72
C ASN A 106 -15.63 2.36 19.83
N ASN A 107 -16.44 3.42 19.94
CA ASN A 107 -16.23 4.60 19.11
C ASN A 107 -14.94 5.31 19.46
N LEU A 108 -14.52 5.25 20.72
CA LEU A 108 -13.36 6.02 21.16
C LEU A 108 -12.06 5.25 21.02
N ASP A 109 -12.10 3.93 21.13
CA ASP A 109 -10.89 3.14 21.31
C ASP A 109 -10.65 2.09 20.23
N SER A 110 -11.57 1.91 19.30
CA SER A 110 -11.38 1.06 18.14
C SER A 110 -11.08 1.90 16.92
N LYS A 111 -10.46 1.27 15.91
CA LYS A 111 -10.33 1.88 14.60
C LYS A 111 -10.11 0.78 13.58
N VAL A 112 -10.44 1.08 12.32
CA VAL A 112 -10.28 0.11 11.26
C VAL A 112 -8.79 -0.23 11.13
N GLY A 113 -8.49 -1.51 10.95
CA GLY A 113 -7.13 -1.98 11.04
C GLY A 113 -6.64 -2.26 12.45
N GLY A 114 -7.31 -1.71 13.46
CA GLY A 114 -6.97 -2.03 14.84
C GLY A 114 -6.26 -0.92 15.59
N ASN A 115 -6.74 -0.63 16.80
CA ASN A 115 -6.05 0.24 17.74
C ASN A 115 -5.17 -0.63 18.62
N TYR A 116 -3.85 -0.48 18.50
CA TYR A 116 -2.90 -1.33 19.21
C TYR A 116 -2.29 -0.66 20.44
N ASN A 117 -2.73 0.56 20.79
CA ASN A 117 -2.16 1.28 21.91
C ASN A 117 -2.62 0.73 23.25
N TYR A 118 -3.75 0.04 23.32
CA TYR A 118 -4.20 -0.53 24.58
C TYR A 118 -3.59 -1.92 24.74
N LEU A 119 -2.84 -2.10 25.81
CA LEU A 119 -2.13 -3.32 26.10
C LEU A 119 -2.66 -3.95 27.38
N TYR A 120 -2.38 -5.24 27.54
CA TYR A 120 -2.61 -5.92 28.80
C TYR A 120 -1.43 -6.85 29.04
N ARG A 121 -1.21 -7.20 30.30
CA ARG A 121 -0.16 -8.16 30.63
C ARG A 121 -0.70 -9.57 30.43
N LEU A 122 -0.09 -10.30 29.51
CA LEU A 122 -0.48 -11.68 29.21
C LEU A 122 0.30 -12.69 30.03
N PHE A 123 1.54 -12.38 30.41
CA PHE A 123 2.38 -13.30 31.15
C PHE A 123 2.94 -12.65 32.41
N ARG A 124 2.92 -13.40 33.50
CA ARG A 124 3.50 -12.97 34.77
C ARG A 124 3.77 -14.21 35.61
N LYS A 125 4.82 -14.14 36.42
CA LYS A 125 5.24 -15.28 37.23
C LYS A 125 4.36 -15.51 38.45
N SER A 126 3.63 -14.49 38.90
CA SER A 126 2.69 -14.66 40.00
C SER A 126 1.53 -13.69 39.83
N ASN A 127 0.46 -13.96 40.55
CA ASN A 127 -0.71 -13.08 40.47
C ASN A 127 -0.43 -11.75 41.17
N LEU A 128 -0.94 -10.68 40.56
CA LEU A 128 -1.01 -9.44 41.30
C LEU A 128 -1.86 -9.65 42.53
N LYS A 129 -1.66 -8.81 43.50
CA LYS A 129 -2.66 -8.87 44.55
C LYS A 129 -3.26 -7.48 44.70
N PRO A 130 -4.25 -7.25 45.56
CA PRO A 130 -5.13 -6.08 45.41
C PRO A 130 -4.41 -4.75 45.22
N PHE A 131 -4.79 -4.03 44.16
CA PHE A 131 -4.34 -2.68 43.84
C PHE A 131 -2.85 -2.61 43.52
N GLU A 132 -2.19 -3.73 43.30
CA GLU A 132 -0.83 -3.73 42.82
C GLU A 132 -0.80 -3.36 41.33
N ARG A 133 0.29 -2.71 40.92
CA ARG A 133 0.43 -2.18 39.56
C ARG A 133 1.79 -2.58 39.02
N ASP A 134 1.81 -3.33 37.91
CA ASP A 134 3.02 -3.86 37.30
C ASP A 134 3.17 -3.25 35.91
N ILE A 135 4.14 -2.34 35.77
CA ILE A 135 4.41 -1.69 34.49
C ILE A 135 5.72 -2.16 33.89
N SER A 136 6.32 -3.23 34.41
CA SER A 136 7.57 -3.71 33.85
C SER A 136 7.33 -4.38 32.51
N THR A 137 8.34 -4.34 31.65
CA THR A 137 8.33 -4.99 30.35
C THR A 137 9.55 -5.86 30.18
N GLU A 138 9.81 -6.73 31.16
CA GLU A 138 10.88 -7.70 31.04
C GLU A 138 10.41 -8.92 30.27
N ILE A 139 11.28 -9.45 29.41
CA ILE A 139 10.96 -10.66 28.66
C ILE A 139 10.59 -11.76 29.64
N TYR A 140 9.46 -12.42 29.37
CA TYR A 140 8.96 -13.48 30.22
C TYR A 140 9.56 -14.81 29.78
N GLN A 141 10.18 -15.51 30.72
CA GLN A 141 10.88 -16.76 30.42
C GLN A 141 9.92 -17.91 30.70
N ALA A 142 9.27 -18.39 29.64
CA ALA A 142 8.25 -19.43 29.76
C ALA A 142 8.83 -20.84 29.74
N GLY A 143 10.02 -21.01 29.17
CA GLY A 143 10.71 -22.28 29.17
C GLY A 143 11.95 -22.25 30.05
N SER A 144 12.83 -23.20 29.80
CA SER A 144 14.01 -23.38 30.66
C SER A 144 15.27 -22.73 30.11
N THR A 145 15.23 -22.17 28.90
CA THR A 145 16.39 -21.51 28.32
C THR A 145 16.34 -20.01 28.62
N PRO A 146 17.42 -19.41 29.09
CA PRO A 146 17.42 -17.97 29.37
C PRO A 146 17.21 -17.17 28.10
N CYS A 147 16.60 -15.99 28.26
CA CYS A 147 16.10 -15.22 27.12
C CYS A 147 17.01 -14.10 26.67
N ASN A 148 17.92 -13.62 27.52
CA ASN A 148 18.88 -12.59 27.16
C ASN A 148 18.20 -11.31 26.66
N GLY A 149 16.99 -11.07 27.17
CA GLY A 149 16.24 -9.88 26.80
C GLY A 149 15.77 -9.82 25.36
N VAL A 150 15.83 -10.94 24.63
CA VAL A 150 15.43 -10.96 23.23
C VAL A 150 14.25 -11.92 23.07
N GLU A 151 13.23 -11.47 22.36
CA GLU A 151 12.06 -12.31 22.13
C GLU A 151 12.43 -13.53 21.31
N GLY A 152 11.83 -14.66 21.65
CA GLY A 152 12.06 -15.87 20.90
C GLY A 152 11.09 -16.94 21.35
N PHE A 153 11.33 -18.16 20.87
CA PHE A 153 10.55 -19.29 21.33
C PHE A 153 10.60 -19.37 22.85
N ASN A 154 9.43 -19.51 23.48
CA ASN A 154 9.31 -19.57 24.93
C ASN A 154 9.92 -18.36 25.63
N CYS A 155 10.13 -17.26 24.90
CA CYS A 155 10.66 -16.02 25.44
C CYS A 155 9.75 -14.90 24.97
N TYR A 156 8.85 -14.47 25.84
CA TYR A 156 7.71 -13.64 25.45
C TYR A 156 7.85 -12.22 25.94
N PHE A 157 7.49 -11.27 25.09
CA PHE A 157 7.20 -9.94 25.59
C PHE A 157 5.94 -10.05 26.47
N PRO A 158 5.95 -9.48 27.66
CA PRO A 158 4.86 -9.76 28.61
C PRO A 158 3.56 -9.04 28.29
N LEU A 159 3.59 -8.02 27.43
CA LEU A 159 2.42 -7.22 27.12
C LEU A 159 1.95 -7.53 25.71
N GLN A 160 0.65 -7.72 25.57
CA GLN A 160 0.05 -8.02 24.27
C GLN A 160 -1.05 -6.99 24.00
N SER A 161 -1.25 -6.71 22.72
CA SER A 161 -2.17 -5.68 22.31
C SER A 161 -3.57 -6.26 22.11
N TYR A 162 -4.58 -5.45 22.42
CA TYR A 162 -5.96 -5.82 22.09
C TYR A 162 -6.25 -5.66 20.60
N GLY A 163 -5.68 -4.65 19.95
CA GLY A 163 -5.94 -4.41 18.54
C GLY A 163 -7.40 -4.17 18.22
N PHE A 164 -8.05 -3.30 19.00
CA PHE A 164 -9.49 -3.08 18.88
C PHE A 164 -9.91 -2.62 17.49
N GLN A 165 -10.85 -3.34 16.89
CA GLN A 165 -11.47 -3.00 15.62
C GLN A 165 -12.97 -2.80 15.80
N PRO A 166 -13.55 -1.79 15.17
CA PRO A 166 -14.96 -1.45 15.47
C PRO A 166 -15.95 -2.53 15.05
N THR A 167 -15.55 -3.46 14.18
CA THR A 167 -16.42 -4.55 13.79
C THR A 167 -16.27 -5.79 14.66
N ASN A 168 -15.49 -5.70 15.74
CA ASN A 168 -15.40 -6.79 16.68
C ASN A 168 -16.76 -7.06 17.31
N GLY A 169 -16.95 -8.30 17.75
CA GLY A 169 -18.07 -8.59 18.63
C GLY A 169 -17.98 -7.77 19.90
N VAL A 170 -19.13 -7.58 20.55
CA VAL A 170 -19.19 -6.68 21.69
C VAL A 170 -18.31 -7.17 22.83
N GLY A 171 -18.12 -8.49 22.95
CA GLY A 171 -17.19 -8.99 23.95
C GLY A 171 -15.74 -8.72 23.62
N TYR A 172 -15.45 -8.41 22.37
CA TYR A 172 -14.10 -8.05 21.95
C TYR A 172 -13.99 -6.55 21.68
N GLN A 173 -15.00 -5.82 21.99
CA GLN A 173 -14.93 -4.37 21.87
C GLN A 173 -14.36 -3.75 23.13
N PRO A 174 -13.74 -2.57 23.00
CA PRO A 174 -13.15 -1.92 24.18
C PRO A 174 -14.20 -1.35 25.10
N TYR A 175 -13.96 -1.52 26.40
CA TYR A 175 -14.78 -0.92 27.43
C TYR A 175 -13.88 -0.07 28.31
N ARG A 176 -14.37 1.13 28.66
CA ARG A 176 -13.69 1.98 29.63
C ARG A 176 -14.24 1.67 31.00
N VAL A 177 -13.36 1.69 32.01
CA VAL A 177 -13.70 1.23 33.36
C VAL A 177 -13.21 2.24 34.37
N VAL A 178 -14.08 2.63 35.30
CA VAL A 178 -13.69 3.49 36.42
C VAL A 178 -14.02 2.76 37.71
N VAL A 179 -13.01 2.60 38.57
CA VAL A 179 -13.17 1.96 39.87
C VAL A 179 -13.00 3.02 40.95
N LEU A 180 -14.03 3.20 41.77
CA LEU A 180 -14.01 4.16 42.87
C LEU A 180 -13.74 3.46 44.18
N SER A 181 -12.71 3.93 44.90
CA SER A 181 -12.39 3.48 46.25
C SER A 181 -12.61 4.61 47.23
N PHE A 182 -13.19 4.29 48.38
CA PHE A 182 -13.61 5.28 49.36
C PHE A 182 -12.83 5.09 50.65
N GLU A 183 -12.08 6.12 51.04
CA GLU A 183 -11.21 6.08 52.21
C GLU A 183 -11.77 7.02 53.28
N LEU A 184 -11.90 6.49 54.50
CA LEU A 184 -12.27 7.29 55.67
C LEU A 184 -11.13 7.16 56.67
N LEU A 185 -10.37 8.24 56.85
CA LEU A 185 -9.23 8.28 57.74
C LEU A 185 -9.49 9.25 58.87
N HIS A 186 -8.48 9.44 59.73
CA HIS A 186 -8.60 10.39 60.82
C HIS A 186 -8.81 11.81 60.30
N ALA A 187 -8.02 12.20 59.30
CA ALA A 187 -8.16 13.51 58.68
C ALA A 187 -9.63 13.76 58.32
N PRO A 188 -10.14 14.97 58.51
CA PRO A 188 -11.58 15.20 58.34
C PRO A 188 -12.03 14.92 56.91
N ALA A 189 -13.28 14.48 56.79
CA ALA A 189 -13.80 14.04 55.50
C ALA A 189 -14.10 15.24 54.62
N THR A 190 -13.52 15.26 53.42
CA THR A 190 -13.65 16.38 52.50
C THR A 190 -14.45 16.06 51.25
N VAL A 191 -14.70 14.78 50.96
CA VAL A 191 -15.49 14.37 49.80
C VAL A 191 -16.86 13.93 50.32
N CYS A 192 -17.84 14.80 50.21
CA CYS A 192 -19.21 14.53 50.64
C CYS A 192 -20.16 14.57 49.46
N GLY A 193 -21.33 14.00 49.65
CA GLY A 193 -22.42 14.17 48.72
C GLY A 193 -23.07 15.53 48.88
N PRO A 194 -24.21 15.74 48.22
CA PRO A 194 -24.96 17.02 48.27
C PRO A 194 -25.23 17.51 49.70
N GLN B 25 -13.18 5.10 -5.25
CA GLN B 25 -12.53 6.11 -4.44
C GLN B 25 -13.29 6.33 -3.13
N VAL B 26 -12.60 6.82 -2.11
CA VAL B 26 -13.19 7.20 -0.84
C VAL B 26 -13.47 8.70 -0.88
N GLN B 27 -14.71 9.09 -0.58
CA GLN B 27 -15.07 10.50 -0.73
C GLN B 27 -16.21 10.88 0.20
N LEU B 28 -16.30 12.18 0.44
CA LEU B 28 -17.37 12.81 1.21
C LEU B 28 -18.00 13.88 0.32
N VAL B 29 -19.23 13.66 -0.14
CA VAL B 29 -19.89 14.54 -1.10
C VAL B 29 -20.74 15.53 -0.31
N GLN B 30 -20.40 16.81 -0.38
CA GLN B 30 -21.00 17.84 0.45
C GLN B 30 -22.06 18.63 -0.32
N SER B 31 -23.06 19.11 0.41
CA SER B 31 -24.15 19.88 -0.18
C SER B 31 -23.62 21.22 -0.69
N GLY B 32 -24.40 21.87 -1.55
CA GLY B 32 -23.99 23.13 -2.13
C GLY B 32 -24.06 24.31 -1.18
N ALA B 33 -23.41 25.36 -1.63
CA ALA B 33 -23.32 26.67 -0.96
C ALA B 33 -24.69 27.30 -0.69
N GLU B 34 -24.80 27.96 0.44
CA GLU B 34 -26.07 28.58 0.85
C GLU B 34 -25.84 30.02 1.27
N VAL B 35 -26.84 30.81 1.02
CA VAL B 35 -26.91 32.22 1.39
C VAL B 35 -28.05 32.38 2.37
N LYS B 36 -27.73 32.80 3.59
CA LYS B 36 -28.68 32.83 4.69
C LYS B 36 -28.79 34.23 5.26
N LYS B 37 -29.99 34.60 5.68
CA LYS B 37 -30.19 35.82 6.44
C LYS B 37 -29.79 35.58 7.91
N PRO B 38 -29.40 36.64 8.64
CA PRO B 38 -29.10 36.48 10.06
C PRO B 38 -30.26 35.86 10.82
N GLY B 39 -29.91 35.05 11.83
CA GLY B 39 -30.90 34.40 12.66
C GLY B 39 -31.56 33.17 12.06
N ALA B 40 -31.25 32.83 10.81
CA ALA B 40 -31.86 31.69 10.14
C ALA B 40 -31.09 30.40 10.46
N SER B 41 -31.59 29.29 9.91
CA SER B 41 -31.00 27.98 10.07
C SER B 41 -30.30 27.55 8.79
N VAL B 42 -29.21 26.79 8.93
CA VAL B 42 -28.53 26.16 7.81
C VAL B 42 -28.25 24.71 8.17
N LYS B 43 -28.74 23.79 7.33
CA LYS B 43 -28.53 22.36 7.53
C LYS B 43 -27.71 21.83 6.36
N LEU B 44 -26.43 21.58 6.59
CA LEU B 44 -25.57 20.99 5.59
C LEU B 44 -25.67 19.47 5.65
N SER B 45 -25.29 18.82 4.56
CA SER B 45 -25.22 17.37 4.50
C SER B 45 -23.86 16.95 3.96
N CYS B 46 -23.50 15.70 4.26
CA CYS B 46 -22.19 15.16 3.87
C CYS B 46 -22.41 13.67 3.63
N LYS B 47 -22.40 13.27 2.37
CA LYS B 47 -22.71 11.89 1.98
C LYS B 47 -21.42 11.14 1.72
N ALA B 48 -21.31 9.95 2.31
CA ALA B 48 -20.09 9.17 2.27
C ALA B 48 -20.27 7.96 1.36
N SER B 49 -19.15 7.53 0.77
CA SER B 49 -19.16 6.32 -0.04
C SER B 49 -17.73 5.80 -0.10
N GLY B 50 -17.61 4.51 -0.42
CA GLY B 50 -16.32 3.88 -0.58
C GLY B 50 -15.76 3.25 0.68
N TYR B 51 -16.39 3.45 1.83
CA TYR B 51 -15.87 2.91 3.09
C TYR B 51 -17.05 2.63 4.01
N SER B 52 -16.74 2.07 5.18
CA SER B 52 -17.76 1.69 6.16
C SER B 52 -18.14 2.91 6.98
N PHE B 53 -19.26 3.54 6.61
CA PHE B 53 -19.73 4.77 7.26
C PHE B 53 -19.74 4.64 8.78
N THR B 54 -20.19 3.50 9.30
CA THR B 54 -20.33 3.26 10.72
C THR B 54 -19.03 2.86 11.41
N SER B 55 -17.88 3.00 10.75
CA SER B 55 -16.60 2.65 11.34
C SER B 55 -15.71 3.87 11.60
N TYR B 56 -16.20 5.08 11.30
CA TYR B 56 -15.37 6.27 11.39
C TYR B 56 -16.17 7.42 11.96
N TRP B 57 -15.49 8.33 12.64
CA TRP B 57 -16.10 9.60 13.03
C TRP B 57 -16.22 10.51 11.82
N VAL B 58 -17.30 11.28 11.77
CA VAL B 58 -17.45 12.36 10.79
C VAL B 58 -17.36 13.68 11.55
N ASN B 59 -16.35 14.49 11.20
CA ASN B 59 -16.12 15.76 11.85
C ASN B 59 -16.58 16.90 10.97
N TRP B 60 -16.97 18.01 11.61
CA TRP B 60 -17.26 19.25 10.91
C TRP B 60 -16.22 20.28 11.31
N VAL B 61 -15.56 20.88 10.31
CA VAL B 61 -14.45 21.80 10.50
C VAL B 61 -14.65 22.98 9.56
N ARG B 62 -14.70 24.18 10.11
CA ARG B 62 -14.99 25.34 9.28
C ARG B 62 -13.74 26.19 9.10
N GLN B 63 -13.67 26.83 7.94
CA GLN B 63 -12.58 27.73 7.60
C GLN B 63 -13.20 29.11 7.55
N ALA B 64 -13.09 29.82 8.66
CA ALA B 64 -13.69 31.14 8.78
C ALA B 64 -12.70 32.20 8.36
N PRO B 65 -13.11 33.17 7.54
CA PRO B 65 -12.20 34.26 7.17
C PRO B 65 -11.87 35.11 8.39
N GLY B 66 -10.58 35.34 8.59
CA GLY B 66 -10.09 36.10 9.72
C GLY B 66 -9.84 35.29 10.97
N GLN B 67 -10.56 34.18 11.15
CA GLN B 67 -10.42 33.32 12.32
C GLN B 67 -9.69 32.02 12.05
N GLY B 68 -9.86 31.44 10.86
CA GLY B 68 -9.13 30.24 10.49
C GLY B 68 -9.91 28.96 10.70
N LEU B 69 -9.17 27.85 10.79
CA LEU B 69 -9.77 26.53 10.92
C LEU B 69 -10.14 26.26 12.37
N GLU B 70 -11.41 25.94 12.61
CA GLU B 70 -11.83 25.53 13.94
C GLU B 70 -12.72 24.30 13.83
N TRP B 71 -12.50 23.35 14.74
CA TRP B 71 -13.29 22.13 14.79
C TRP B 71 -14.62 22.40 15.49
N ILE B 72 -15.71 22.08 14.81
CA ILE B 72 -17.04 22.33 15.36
C ILE B 72 -17.49 21.16 16.24
N GLY B 73 -17.31 19.94 15.76
CA GLY B 73 -17.79 18.77 16.47
C GLY B 73 -17.71 17.56 15.59
N MET B 74 -18.15 16.43 16.13
CA MET B 74 -18.12 15.18 15.38
C MET B 74 -19.23 14.26 15.86
N ILE B 75 -19.57 13.30 15.01
CA ILE B 75 -20.58 12.29 15.30
C ILE B 75 -20.09 10.95 14.79
N HIS B 76 -20.33 9.89 15.56
CA HIS B 76 -20.03 8.54 15.10
C HIS B 76 -21.32 7.89 14.63
N PRO B 77 -21.42 7.54 13.34
CA PRO B 77 -22.71 7.09 12.79
C PRO B 77 -23.20 5.75 13.31
N SER B 78 -22.35 4.95 13.96
CA SER B 78 -22.82 3.66 14.47
C SER B 78 -23.96 3.84 15.47
N ASP B 79 -23.85 4.85 16.36
CA ASP B 79 -24.93 5.10 17.29
C ASP B 79 -25.18 6.59 17.49
N SER B 80 -24.71 7.44 16.59
CA SER B 80 -24.92 8.89 16.64
C SER B 80 -24.31 9.52 17.89
N GLU B 81 -23.28 8.89 18.45
CA GLU B 81 -22.55 9.52 19.54
C GLU B 81 -21.86 10.78 19.02
N THR B 82 -22.06 11.88 19.73
CA THR B 82 -21.57 13.19 19.32
C THR B 82 -20.56 13.72 20.32
N ARG B 83 -19.73 14.63 19.85
CA ARG B 83 -18.79 15.34 20.68
C ARG B 83 -18.66 16.73 20.11
N LEU B 84 -19.07 17.73 20.88
CA LEU B 84 -19.17 19.10 20.39
C LEU B 84 -18.07 19.97 20.98
N ASN B 85 -17.58 20.90 20.15
CA ASN B 85 -16.78 22.01 20.65
C ASN B 85 -17.67 22.91 21.50
N GLN B 86 -17.28 23.12 22.77
CA GLN B 86 -18.13 23.85 23.70
C GLN B 86 -18.41 25.27 23.22
N LYS B 87 -17.52 25.83 22.39
CA LYS B 87 -17.79 27.11 21.73
C LYS B 87 -19.07 27.08 20.90
N PHE B 88 -19.50 25.89 20.48
CA PHE B 88 -20.64 25.74 19.57
C PHE B 88 -21.81 25.00 20.20
N LYS B 89 -21.76 24.71 21.50
CA LYS B 89 -22.68 23.74 22.10
C LYS B 89 -24.14 24.10 21.87
N ASP B 90 -24.49 25.38 21.98
CA ASP B 90 -25.89 25.78 22.00
C ASP B 90 -26.47 26.06 20.62
N ARG B 91 -25.64 26.11 19.57
CA ARG B 91 -26.08 26.47 18.23
C ARG B 91 -26.06 25.33 17.22
N VAL B 92 -25.21 24.32 17.41
CA VAL B 92 -25.02 23.27 16.42
C VAL B 92 -25.69 22.00 16.89
N THR B 93 -26.40 21.34 15.98
CA THR B 93 -26.83 19.97 16.15
C THR B 93 -26.30 19.15 14.97
N ILE B 94 -25.76 17.98 15.29
CA ILE B 94 -25.19 17.09 14.28
C ILE B 94 -25.99 15.79 14.28
N THR B 95 -26.18 15.23 13.10
CA THR B 95 -27.07 14.09 12.90
C THR B 95 -26.52 13.23 11.77
N VAL B 96 -26.93 11.96 11.75
CA VAL B 96 -26.59 11.05 10.67
C VAL B 96 -27.83 10.26 10.26
N ASP B 97 -27.81 9.80 9.00
CA ASP B 97 -28.78 8.83 8.49
C ASP B 97 -27.98 7.67 7.93
N LYS B 98 -27.95 6.55 8.66
CA LYS B 98 -27.10 5.43 8.30
C LYS B 98 -27.52 4.82 6.96
N SER B 99 -28.82 4.75 6.71
CA SER B 99 -29.30 4.14 5.47
C SER B 99 -28.82 4.88 4.23
N THR B 100 -28.56 6.18 4.35
CA THR B 100 -28.05 6.97 3.25
C THR B 100 -26.58 7.34 3.39
N SER B 101 -25.91 6.89 4.46
CA SER B 101 -24.49 7.18 4.69
C SER B 101 -24.21 8.68 4.67
N THR B 102 -25.12 9.46 5.25
CA THR B 102 -25.07 10.91 5.19
C THR B 102 -25.01 11.48 6.59
N ALA B 103 -24.05 12.37 6.82
CA ALA B 103 -23.97 13.13 8.07
C ALA B 103 -24.52 14.53 7.82
N TYR B 104 -25.20 15.07 8.82
CA TYR B 104 -25.81 16.39 8.74
C TYR B 104 -25.29 17.27 9.86
N MET B 105 -25.18 18.56 9.56
CA MET B 105 -24.81 19.55 10.56
C MET B 105 -25.70 20.76 10.39
N GLU B 106 -26.43 21.12 11.44
CA GLU B 106 -27.34 22.26 11.42
C GLU B 106 -26.86 23.28 12.44
N LEU B 107 -26.42 24.44 11.96
CA LEU B 107 -25.98 25.54 12.80
C LEU B 107 -27.04 26.64 12.75
N SER B 108 -27.50 27.09 13.92
CA SER B 108 -28.64 27.99 14.02
C SER B 108 -28.25 29.35 14.58
N SER B 109 -29.18 30.29 14.49
CA SER B 109 -28.96 31.70 14.86
C SER B 109 -27.72 32.26 14.15
N LEU B 110 -27.76 32.19 12.82
CA LEU B 110 -26.60 32.52 12.01
C LEU B 110 -26.23 33.98 12.15
N ARG B 111 -24.94 34.23 12.36
CA ARG B 111 -24.37 35.57 12.42
C ARG B 111 -23.39 35.75 11.26
N SER B 112 -22.99 37.00 11.03
CA SER B 112 -22.05 37.28 9.94
C SER B 112 -20.72 36.59 10.14
N GLU B 113 -20.30 36.39 11.39
CA GLU B 113 -19.08 35.64 11.67
C GLU B 113 -19.26 34.14 11.46
N ASP B 114 -20.46 33.68 11.12
CA ASP B 114 -20.66 32.30 10.72
C ASP B 114 -20.32 32.05 9.26
N THR B 115 -20.24 33.10 8.44
CA THR B 115 -19.85 32.94 7.04
C THR B 115 -18.48 32.27 6.97
N ALA B 116 -18.42 31.12 6.31
CA ALA B 116 -17.22 30.27 6.31
C ALA B 116 -17.39 29.17 5.28
N VAL B 117 -16.28 28.46 5.01
CA VAL B 117 -16.33 27.17 4.35
C VAL B 117 -16.51 26.10 5.43
N TYR B 118 -17.46 25.20 5.23
CA TYR B 118 -17.74 24.14 6.20
C TYR B 118 -17.35 22.80 5.57
N TYR B 119 -16.22 22.25 6.02
CA TYR B 119 -15.77 20.93 5.61
C TYR B 119 -16.32 19.85 6.53
N CYS B 120 -16.62 18.68 5.97
CA CYS B 120 -16.73 17.46 6.76
C CYS B 120 -15.48 16.63 6.50
N ALA B 121 -15.04 15.91 7.53
CA ALA B 121 -13.78 15.19 7.45
C ALA B 121 -13.88 13.92 8.26
N ARG B 122 -13.20 12.88 7.77
CA ARG B 122 -13.20 11.56 8.40
C ARG B 122 -12.07 11.46 9.42
N ALA B 123 -12.32 10.70 10.49
CA ALA B 123 -11.29 10.45 11.49
C ALA B 123 -11.53 9.13 12.20
N ASP B 124 -10.43 8.44 12.53
CA ASP B 124 -10.49 7.23 13.35
C ASP B 124 -10.66 7.58 14.82
N GLY B 125 -11.35 6.72 15.56
CA GLY B 125 -11.31 6.80 17.00
C GLY B 125 -9.89 6.69 17.51
N TYR B 126 -9.64 7.29 18.68
CA TYR B 126 -8.34 7.31 19.34
C TYR B 126 -7.32 8.18 18.61
N GLU B 127 -7.48 8.37 17.30
CA GLU B 127 -6.52 9.12 16.52
C GLU B 127 -6.98 10.56 16.35
N TRP B 128 -8.07 10.73 15.60
CA TRP B 128 -8.70 12.03 15.41
C TRP B 128 -7.77 13.00 14.67
N TYR B 129 -7.05 12.47 13.71
CA TYR B 129 -6.57 13.30 12.61
C TYR B 129 -7.49 13.06 11.41
N PHE B 130 -7.44 13.98 10.46
CA PHE B 130 -8.43 14.01 9.39
C PHE B 130 -7.75 13.59 8.10
N ASP B 131 -8.04 12.36 7.65
CA ASP B 131 -7.39 11.79 6.48
C ASP B 131 -8.21 11.89 5.19
N VAL B 132 -9.53 12.06 5.29
CA VAL B 132 -10.37 12.27 4.10
C VAL B 132 -11.22 13.50 4.34
N TRP B 133 -11.25 14.41 3.37
CA TRP B 133 -11.93 15.69 3.50
C TRP B 133 -12.98 15.85 2.41
N GLY B 134 -14.18 16.25 2.80
CA GLY B 134 -15.16 16.70 1.84
C GLY B 134 -14.71 17.99 1.17
N ARG B 135 -15.43 18.36 0.11
CA ARG B 135 -15.07 19.59 -0.61
C ARG B 135 -15.24 20.81 0.28
N GLY B 136 -16.35 20.89 1.00
CA GLY B 136 -16.66 22.07 1.78
C GLY B 136 -17.93 22.72 1.29
N THR B 137 -18.63 23.43 2.17
CA THR B 137 -19.83 24.18 1.80
C THR B 137 -19.66 25.61 2.27
N LEU B 138 -19.67 26.56 1.34
CA LEU B 138 -19.62 27.98 1.68
C LEU B 138 -20.99 28.43 2.17
N VAL B 139 -21.04 28.92 3.40
CA VAL B 139 -22.25 29.50 3.97
C VAL B 139 -21.99 30.99 4.14
N THR B 140 -22.89 31.83 3.64
CA THR B 140 -22.74 33.27 3.72
C THR B 140 -23.94 33.87 4.42
N VAL B 141 -23.68 34.65 5.47
CA VAL B 141 -24.70 35.32 6.26
C VAL B 141 -24.54 36.81 6.03
N SER B 142 -25.48 37.40 5.29
CA SER B 142 -25.45 38.82 5.00
C SER B 142 -25.66 39.64 6.26
N SER B 143 -25.22 40.90 6.21
CA SER B 143 -25.43 41.89 7.27
C SER B 143 -25.28 41.37 8.70
N SER B 158 -8.07 27.69 28.46
CA SER B 158 -9.19 26.97 27.85
C SER B 158 -8.69 25.85 26.93
N ASP B 159 -8.83 26.06 25.63
CA ASP B 159 -8.40 25.10 24.63
C ASP B 159 -6.90 25.22 24.36
N ILE B 160 -6.33 24.15 23.82
CA ILE B 160 -4.93 24.18 23.40
C ILE B 160 -4.81 25.11 22.20
N VAL B 161 -3.95 26.11 22.31
CA VAL B 161 -3.73 27.08 21.26
C VAL B 161 -2.46 26.69 20.51
N LEU B 162 -2.55 26.64 19.19
CA LEU B 162 -1.44 26.28 18.34
C LEU B 162 -0.90 27.52 17.66
N THR B 163 0.42 27.64 17.63
CA THR B 163 1.08 28.85 17.17
C THR B 163 2.18 28.45 16.21
N GLN B 164 2.01 28.79 14.93
CA GLN B 164 2.97 28.45 13.91
C GLN B 164 3.84 29.66 13.59
N SER B 165 5.07 29.38 13.17
CA SER B 165 5.99 30.41 12.74
C SER B 165 6.94 29.79 11.72
N PRO B 166 7.31 30.52 10.66
CA PRO B 166 6.89 31.90 10.34
C PRO B 166 5.54 31.97 9.63
N ALA B 167 4.93 33.15 9.60
CA ALA B 167 3.64 33.29 8.91
C ALA B 167 3.78 33.01 7.42
N SER B 168 4.90 33.42 6.82
CA SER B 168 5.19 33.15 5.41
C SER B 168 6.66 32.85 5.25
N LEU B 169 6.99 31.93 4.35
CA LEU B 169 8.35 31.50 4.11
C LEU B 169 8.61 31.44 2.62
N ALA B 170 9.67 32.07 2.17
CA ALA B 170 10.07 32.06 0.77
C ALA B 170 11.29 31.14 0.63
N VAL B 171 11.24 30.26 -0.38
CA VAL B 171 12.29 29.26 -0.56
C VAL B 171 12.47 28.98 -2.04
N SER B 172 13.71 28.79 -2.46
CA SER B 172 13.98 28.37 -3.82
C SER B 172 14.06 26.85 -3.91
N PRO B 173 13.73 26.26 -5.07
CA PRO B 173 13.73 24.80 -5.19
C PRO B 173 15.09 24.19 -4.86
N GLY B 174 15.06 23.04 -4.21
CA GLY B 174 16.28 22.39 -3.77
C GLY B 174 16.69 22.71 -2.35
N GLN B 175 16.00 23.64 -1.68
CA GLN B 175 16.30 23.98 -0.31
C GLN B 175 15.41 23.19 0.65
N ARG B 176 15.80 23.17 1.92
CA ARG B 176 15.07 22.45 2.96
C ARG B 176 14.25 23.47 3.74
N ALA B 177 12.92 23.37 3.62
CA ALA B 177 12.01 24.31 4.26
C ALA B 177 11.52 23.75 5.58
N THR B 178 11.48 24.62 6.60
CA THR B 178 11.15 24.22 7.96
C THR B 178 10.06 25.13 8.51
N ILE B 179 8.95 24.53 8.93
CA ILE B 179 7.85 25.24 9.57
C ILE B 179 7.78 24.76 11.02
N THR B 180 7.43 25.69 11.91
CA THR B 180 7.38 25.41 13.34
C THR B 180 5.94 25.50 13.83
N CYS B 181 5.60 24.66 14.81
CA CYS B 181 4.30 24.72 15.47
C CYS B 181 4.51 24.55 16.97
N ARG B 182 4.02 25.51 17.76
CA ARG B 182 4.10 25.48 19.21
C ARG B 182 2.70 25.41 19.81
N ALA B 183 2.55 24.58 20.84
CA ALA B 183 1.27 24.34 21.48
C ALA B 183 1.25 24.91 22.90
N SER B 184 0.07 25.37 23.32
CA SER B 184 -0.12 25.89 24.68
C SER B 184 0.39 24.92 25.73
N GLU B 185 -0.03 23.67 25.65
CA GLU B 185 0.34 22.63 26.57
C GLU B 185 0.93 21.46 25.79
N SER B 186 1.36 20.42 26.50
CA SER B 186 1.85 19.24 25.82
C SER B 186 0.71 18.55 25.07
N VAL B 187 1.03 18.03 23.89
CA VAL B 187 0.03 17.25 23.16
C VAL B 187 0.50 15.80 23.10
N ASP B 188 1.31 15.41 24.07
CA ASP B 188 1.79 14.04 24.20
C ASP B 188 0.88 13.27 25.16
N SER B 189 0.77 11.96 24.91
CA SER B 189 -0.14 11.13 25.70
C SER B 189 0.06 9.66 25.39
N TYR B 190 0.33 8.85 26.42
CA TYR B 190 0.42 7.40 26.29
C TYR B 190 1.42 7.00 25.20
N GLY B 191 2.59 7.65 25.22
CA GLY B 191 3.66 7.30 24.30
C GLY B 191 3.51 7.83 22.91
N ASN B 192 2.59 8.76 22.67
CA ASN B 192 2.37 9.32 21.34
C ASN B 192 2.26 10.83 21.43
N SER B 193 2.65 11.50 20.36
CA SER B 193 2.46 12.94 20.21
C SER B 193 1.35 13.13 19.19
N PHE B 194 0.19 13.62 19.64
CA PHE B 194 -0.97 13.75 18.76
C PHE B 194 -0.94 15.10 18.05
N MET B 195 0.04 15.23 17.15
CA MET B 195 0.25 16.43 16.36
C MET B 195 0.27 16.05 14.90
N HIS B 196 -0.50 16.75 14.07
CA HIS B 196 -0.66 16.39 12.67
C HIS B 196 -0.54 17.62 11.79
N TRP B 197 -0.10 17.40 10.55
CA TRP B 197 0.18 18.47 9.60
C TRP B 197 -0.66 18.28 8.35
N TYR B 198 -1.17 19.40 7.82
CA TYR B 198 -2.00 19.40 6.63
C TYR B 198 -1.45 20.39 5.61
N GLN B 199 -1.90 20.24 4.37
CA GLN B 199 -1.53 21.10 3.26
C GLN B 199 -2.79 21.56 2.56
N GLN B 200 -2.86 22.84 2.22
CA GLN B 200 -4.04 23.36 1.54
C GLN B 200 -3.65 24.25 0.37
N LYS B 201 -4.33 24.05 -0.76
CA LYS B 201 -4.19 24.83 -1.98
C LYS B 201 -5.54 25.46 -2.33
N PRO B 202 -5.59 26.43 -3.23
CA PRO B 202 -6.84 27.17 -3.44
C PRO B 202 -7.95 26.31 -4.01
N GLY B 203 -9.16 26.52 -3.51
CA GLY B 203 -10.30 25.73 -3.95
C GLY B 203 -10.11 24.25 -3.70
N GLN B 204 -9.47 23.90 -2.59
CA GLN B 204 -9.16 22.53 -2.30
C GLN B 204 -9.08 22.40 -0.78
N PRO B 205 -9.70 21.38 -0.20
CA PRO B 205 -9.67 21.23 1.26
C PRO B 205 -8.26 20.94 1.74
N PRO B 206 -8.03 20.98 3.06
CA PRO B 206 -6.75 20.50 3.60
C PRO B 206 -6.49 19.06 3.19
N LYS B 207 -5.21 18.70 3.20
CA LYS B 207 -4.76 17.36 2.85
C LYS B 207 -3.78 16.89 3.92
N LEU B 208 -4.05 15.74 4.51
CA LEU B 208 -3.20 15.24 5.57
C LEU B 208 -1.83 14.86 5.01
N LEU B 209 -0.77 15.36 5.66
CA LEU B 209 0.60 15.00 5.30
C LEU B 209 1.26 14.12 6.33
N ILE B 210 1.12 14.46 7.61
CA ILE B 210 1.80 13.80 8.71
C ILE B 210 0.79 13.57 9.82
N TYR B 211 0.82 12.38 10.43
CA TYR B 211 -0.03 12.11 11.57
C TYR B 211 0.82 11.61 12.72
N ARG B 212 0.43 12.02 13.92
CA ARG B 212 1.18 11.73 15.14
C ARG B 212 2.65 12.12 14.98
N ALA B 213 2.84 13.39 14.61
CA ALA B 213 4.12 14.09 14.63
C ALA B 213 5.07 13.69 13.52
N SER B 214 5.23 12.39 13.25
CA SER B 214 6.33 11.96 12.39
C SER B 214 5.98 10.86 11.38
N ASN B 215 4.71 10.56 11.17
CA ASN B 215 4.32 9.44 10.31
C ASN B 215 3.83 9.97 8.97
N LEU B 216 4.53 9.59 7.90
CA LEU B 216 4.17 10.03 6.56
C LEU B 216 2.89 9.34 6.12
N GLU B 217 1.85 10.12 5.85
CA GLU B 217 0.62 9.52 5.35
C GLU B 217 0.87 8.88 4.01
N SER B 218 0.25 7.72 3.78
CA SER B 218 0.47 6.98 2.54
C SER B 218 0.08 7.83 1.35
N GLY B 219 0.95 7.86 0.34
CA GLY B 219 0.74 8.67 -0.84
C GLY B 219 1.47 9.99 -0.83
N ILE B 220 2.04 10.39 0.31
CA ILE B 220 2.73 11.67 0.45
C ILE B 220 4.21 11.46 0.19
N PRO B 221 4.86 12.31 -0.60
CA PRO B 221 6.26 12.05 -0.98
C PRO B 221 7.21 12.13 0.20
N ALA B 222 8.32 11.40 0.09
CA ALA B 222 9.30 11.25 1.16
C ALA B 222 10.04 12.54 1.49
N ARG B 223 9.88 13.59 0.69
CA ARG B 223 10.51 14.86 1.04
C ARG B 223 9.75 15.59 2.14
N PHE B 224 8.55 15.15 2.49
CA PHE B 224 7.84 15.68 3.64
C PHE B 224 8.23 14.89 4.89
N SER B 225 8.53 15.61 5.96
CA SER B 225 9.10 15.00 7.16
C SER B 225 8.58 15.73 8.39
N GLY B 226 8.38 14.97 9.46
CA GLY B 226 7.86 15.55 10.69
C GLY B 226 8.63 15.13 11.92
N SER B 227 8.80 16.05 12.87
CA SER B 227 9.49 15.73 14.11
C SER B 227 8.99 16.65 15.22
N GLY B 228 9.45 16.38 16.43
CA GLY B 228 9.09 17.14 17.60
C GLY B 228 8.51 16.25 18.68
N SER B 229 8.12 16.90 19.78
CA SER B 229 7.53 16.25 20.95
C SER B 229 7.12 17.34 21.93
N GLY B 230 6.22 16.98 22.85
CA GLY B 230 5.80 17.89 23.89
C GLY B 230 4.93 19.04 23.40
N THR B 231 5.53 20.23 23.23
CA THR B 231 4.82 21.39 22.71
C THR B 231 5.42 21.96 21.42
N ASP B 232 6.58 21.49 20.98
CA ASP B 232 7.29 22.09 19.86
C ASP B 232 7.48 21.05 18.77
N PHE B 233 7.00 21.35 17.57
CA PHE B 233 7.02 20.41 16.45
C PHE B 233 7.46 21.13 15.18
N THR B 234 8.07 20.39 14.28
CA THR B 234 8.64 20.94 13.05
C THR B 234 8.21 20.10 11.86
N LEU B 235 7.76 20.77 10.81
CA LEU B 235 7.51 20.15 9.52
C LEU B 235 8.62 20.55 8.56
N THR B 236 9.14 19.58 7.81
CA THR B 236 10.26 19.81 6.91
C THR B 236 9.90 19.34 5.51
N ILE B 237 10.14 20.21 4.52
CA ILE B 237 10.03 19.87 3.11
C ILE B 237 11.43 19.97 2.51
N ASN B 238 11.96 18.85 2.02
CA ASN B 238 13.35 18.83 1.57
C ASN B 238 13.59 17.72 0.54
N PRO B 239 13.87 18.07 -0.73
CA PRO B 239 13.96 19.46 -1.19
C PRO B 239 12.63 20.01 -1.68
N VAL B 240 12.41 21.31 -1.46
CA VAL B 240 11.17 21.94 -1.90
C VAL B 240 11.01 21.80 -3.41
N GLU B 241 9.77 21.65 -3.84
CA GLU B 241 9.40 21.61 -5.25
C GLU B 241 8.38 22.71 -5.50
N ALA B 242 8.22 23.05 -6.79
CA ALA B 242 7.26 24.08 -7.16
C ALA B 242 5.82 23.69 -6.80
N ASN B 243 5.56 22.41 -6.61
CA ASN B 243 4.22 21.96 -6.24
C ASN B 243 3.96 22.03 -4.75
N ASP B 244 4.98 22.33 -3.93
CA ASP B 244 4.80 22.48 -2.50
C ASP B 244 4.38 23.89 -2.09
N VAL B 245 4.06 24.76 -3.05
CA VAL B 245 3.55 26.09 -2.73
C VAL B 245 2.10 25.92 -2.26
N ALA B 246 1.86 26.21 -0.98
CA ALA B 246 0.55 25.98 -0.38
C ALA B 246 0.54 26.59 1.01
N ASN B 247 -0.59 26.45 1.69
CA ASN B 247 -0.64 26.70 3.11
C ASN B 247 -0.44 25.38 3.86
N TYR B 248 0.13 25.47 5.05
CA TYR B 248 0.36 24.32 5.89
C TYR B 248 -0.13 24.63 7.29
N TYR B 249 -0.89 23.70 7.87
CA TYR B 249 -1.44 23.85 9.21
C TYR B 249 -1.06 22.66 10.08
N CYS B 250 -0.79 22.92 11.35
CA CYS B 250 -0.74 21.87 12.34
C CYS B 250 -2.10 21.78 13.04
N GLN B 251 -2.32 20.65 13.72
CA GLN B 251 -3.56 20.40 14.42
C GLN B 251 -3.30 19.36 15.49
N GLN B 252 -3.80 19.60 16.70
CA GLN B 252 -3.57 18.67 17.79
C GLN B 252 -4.85 17.88 18.09
N SER B 253 -4.67 16.63 18.48
CA SER B 253 -5.80 15.82 18.92
C SER B 253 -5.48 15.15 20.25
N ASN B 254 -4.71 15.83 21.09
CA ASN B 254 -4.46 15.30 22.43
C ASN B 254 -5.65 15.48 23.34
N GLU B 255 -6.34 16.62 23.24
CA GLU B 255 -7.41 16.94 24.16
C GLU B 255 -8.52 17.69 23.44
N ASP B 256 -9.73 17.55 23.98
CA ASP B 256 -10.89 18.27 23.46
C ASP B 256 -10.78 19.76 23.77
N PRO B 257 -11.16 20.63 22.83
CA PRO B 257 -11.52 20.28 21.46
C PRO B 257 -10.29 20.22 20.55
N TRP B 258 -10.41 19.64 19.37
CA TRP B 258 -9.29 19.68 18.44
C TRP B 258 -9.07 21.11 17.97
N THR B 259 -7.82 21.49 17.80
CA THR B 259 -7.46 22.85 17.43
C THR B 259 -6.41 22.85 16.34
N PHE B 260 -6.50 23.85 15.45
CA PHE B 260 -5.56 24.07 14.37
C PHE B 260 -4.70 25.30 14.64
N GLY B 261 -3.52 25.32 14.04
CA GLY B 261 -2.73 26.54 13.99
C GLY B 261 -3.28 27.51 12.95
N GLN B 262 -2.72 28.72 12.96
CA GLN B 262 -3.22 29.76 12.08
C GLN B 262 -2.69 29.64 10.65
N GLY B 263 -1.68 28.83 10.43
CA GLY B 263 -1.29 28.52 9.06
C GLY B 263 0.01 29.21 8.66
N THR B 264 0.79 28.51 7.83
CA THR B 264 2.05 29.02 7.32
C THR B 264 2.04 28.89 5.81
N LYS B 265 2.41 29.97 5.12
CA LYS B 265 2.46 29.99 3.66
C LYS B 265 3.87 29.74 3.19
N VAL B 266 4.03 28.86 2.20
CA VAL B 266 5.32 28.60 1.58
C VAL B 266 5.21 29.01 0.12
N GLU B 267 6.10 29.91 -0.29
CA GLU B 267 6.22 30.39 -1.67
C GLU B 267 7.56 29.95 -2.25
N ILE B 268 7.77 30.27 -3.53
CA ILE B 268 8.99 29.93 -4.23
C ILE B 268 9.68 31.21 -4.68
N LYS B 269 11.00 31.26 -4.50
CA LYS B 269 11.81 32.38 -5.00
C LYS B 269 13.14 31.87 -5.57
N ASN C 1 31.76 -1.78 -35.46
CA ASN C 1 31.91 -3.08 -34.82
C ASN C 1 31.01 -4.14 -35.46
N LEU C 2 29.77 -4.21 -34.97
CA LEU C 2 28.82 -5.24 -35.38
C LEU C 2 27.42 -4.65 -35.37
N CYS C 3 26.59 -5.12 -36.28
CA CYS C 3 25.24 -4.55 -36.42
C CYS C 3 24.36 -5.01 -35.26
N PRO C 4 23.77 -4.09 -34.49
CA PRO C 4 23.00 -4.46 -33.29
C PRO C 4 21.60 -4.94 -33.63
N PHE C 5 21.52 -6.10 -34.29
CA PHE C 5 20.25 -6.72 -34.60
C PHE C 5 19.65 -7.48 -33.42
N GLY C 6 20.38 -7.59 -32.31
CA GLY C 6 19.85 -8.21 -31.11
C GLY C 6 18.88 -7.31 -30.37
N GLU C 7 19.20 -6.01 -30.31
CA GLU C 7 18.28 -5.05 -29.69
C GLU C 7 16.91 -5.05 -30.34
N VAL C 8 16.81 -5.49 -31.59
CA VAL C 8 15.55 -5.53 -32.32
C VAL C 8 14.89 -6.91 -32.23
N PHE C 9 15.63 -7.96 -32.59
CA PHE C 9 15.07 -9.30 -32.66
C PHE C 9 14.88 -9.94 -31.28
N ASN C 10 15.75 -9.61 -30.32
CA ASN C 10 15.77 -10.28 -29.03
C ASN C 10 15.21 -9.42 -27.90
N ALA C 11 14.58 -8.29 -28.22
CA ALA C 11 13.99 -7.45 -27.19
C ALA C 11 12.94 -8.22 -26.39
N THR C 12 12.85 -7.91 -25.10
CA THR C 12 11.98 -8.69 -24.22
C THR C 12 10.51 -8.54 -24.61
N ARG C 13 10.09 -7.32 -24.93
CA ARG C 13 8.72 -7.09 -25.37
C ARG C 13 8.75 -6.24 -26.63
N PHE C 14 7.85 -6.56 -27.56
CA PHE C 14 7.73 -5.79 -28.78
C PHE C 14 6.64 -4.73 -28.61
N ALA C 15 6.65 -3.76 -29.53
CA ALA C 15 5.62 -2.73 -29.54
C ALA C 15 4.34 -3.27 -30.16
N SER C 16 3.24 -2.57 -29.92
CA SER C 16 2.00 -2.85 -30.63
C SER C 16 2.16 -2.44 -32.09
N VAL C 17 1.36 -3.08 -32.96
CA VAL C 17 1.53 -2.85 -34.39
C VAL C 17 1.11 -1.45 -34.79
N TYR C 18 0.11 -0.87 -34.10
CA TYR C 18 -0.29 0.49 -34.44
C TYR C 18 0.81 1.48 -34.08
N ALA C 19 1.58 1.19 -33.04
CA ALA C 19 2.70 2.02 -32.66
C ALA C 19 4.01 1.29 -32.92
N TRP C 20 4.15 0.74 -34.13
CA TRP C 20 5.33 -0.03 -34.47
C TRP C 20 6.60 0.80 -34.30
N ASN C 21 7.63 0.15 -33.75
CA ASN C 21 8.94 0.77 -33.51
C ASN C 21 9.82 0.68 -34.75
N ARG C 22 10.48 1.78 -35.07
CA ARG C 22 11.51 1.80 -36.11
C ARG C 22 12.85 2.18 -35.49
N LYS C 23 13.91 1.46 -35.89
CA LYS C 23 15.28 1.77 -35.50
C LYS C 23 16.17 1.79 -36.72
N ARG C 24 16.91 2.88 -36.90
CA ARG C 24 17.83 2.99 -38.01
C ARG C 24 19.18 2.36 -37.65
N ILE C 25 19.72 1.60 -38.58
CA ILE C 25 20.96 0.84 -38.38
C ILE C 25 22.00 1.37 -39.37
N SER C 26 23.13 1.82 -38.84
CA SER C 26 24.18 2.40 -39.66
C SER C 26 25.54 2.00 -39.11
N ASN C 27 26.55 2.04 -39.98
CA ASN C 27 27.95 1.93 -39.61
C ASN C 27 28.24 0.63 -38.86
N CYS C 28 28.01 -0.49 -39.53
CA CYS C 28 28.22 -1.78 -38.89
C CYS C 28 28.26 -2.89 -39.94
N VAL C 29 28.60 -4.09 -39.48
CA VAL C 29 28.70 -5.28 -40.32
C VAL C 29 27.55 -6.22 -39.93
N ALA C 30 26.79 -6.67 -40.93
CA ALA C 30 25.56 -7.43 -40.70
C ALA C 30 25.66 -8.80 -41.35
N ASP C 31 25.66 -9.84 -40.52
CA ASP C 31 25.64 -11.23 -41.00
C ASP C 31 24.19 -11.66 -41.12
N TYR C 32 23.60 -11.43 -42.29
CA TYR C 32 22.25 -11.88 -42.55
C TYR C 32 22.15 -13.40 -42.68
N SER C 33 23.27 -14.09 -42.87
CA SER C 33 23.22 -15.54 -43.09
C SER C 33 22.81 -16.29 -41.83
N VAL C 34 23.24 -15.82 -40.66
CA VAL C 34 22.80 -16.47 -39.43
C VAL C 34 21.30 -16.27 -39.22
N LEU C 35 20.74 -15.17 -39.74
CA LEU C 35 19.31 -14.95 -39.62
C LEU C 35 18.54 -15.86 -40.56
N TYR C 36 18.96 -15.92 -41.83
CA TYR C 36 18.18 -16.66 -42.82
C TYR C 36 18.23 -18.16 -42.58
N ASN C 37 19.41 -18.69 -42.25
CA ASN C 37 19.52 -20.12 -41.99
C ASN C 37 19.04 -20.50 -40.59
N SER C 38 18.83 -19.52 -39.71
CA SER C 38 18.21 -19.81 -38.43
C SER C 38 16.80 -20.35 -38.63
N ALA C 39 16.59 -21.62 -38.28
CA ALA C 39 15.25 -22.17 -38.24
C ALA C 39 14.46 -21.40 -37.18
N SER C 40 13.16 -21.69 -37.04
CA SER C 40 12.28 -20.96 -36.12
C SER C 40 11.99 -19.55 -36.58
N PHE C 41 12.32 -19.21 -37.82
CA PHE C 41 11.83 -17.99 -38.47
C PHE C 41 10.76 -18.43 -39.46
N SER C 42 9.50 -18.37 -39.04
CA SER C 42 8.42 -18.89 -39.89
C SER C 42 8.26 -18.09 -41.17
N THR C 43 8.82 -16.88 -41.23
CA THR C 43 8.69 -16.03 -42.41
C THR C 43 10.01 -15.29 -42.60
N PHE C 44 10.59 -15.42 -43.80
CA PHE C 44 11.80 -14.69 -44.14
C PHE C 44 11.70 -14.39 -45.64
N LYS C 45 10.94 -13.33 -45.96
CA LYS C 45 10.63 -12.98 -47.34
C LYS C 45 11.31 -11.66 -47.68
N CYS C 46 11.98 -11.64 -48.83
CA CYS C 46 12.64 -10.43 -49.29
C CYS C 46 12.08 -10.03 -50.65
N TYR C 47 12.12 -8.73 -50.93
CA TYR C 47 11.42 -8.17 -52.08
C TYR C 47 12.39 -7.29 -52.84
N GLY C 48 12.67 -7.66 -54.09
CA GLY C 48 13.67 -6.96 -54.87
C GLY C 48 15.06 -7.53 -54.67
N VAL C 49 15.33 -7.98 -53.45
CA VAL C 49 16.62 -8.53 -53.07
C VAL C 49 16.42 -9.98 -52.67
N SER C 50 17.44 -10.83 -52.96
CA SER C 50 17.34 -12.19 -52.45
C SER C 50 18.02 -12.28 -51.08
N PRO C 51 17.53 -13.18 -50.22
CA PRO C 51 18.15 -13.34 -48.89
C PRO C 51 19.66 -13.59 -48.93
N THR C 52 20.12 -14.42 -49.87
CA THR C 52 21.53 -14.82 -49.89
C THR C 52 22.43 -13.63 -50.19
N LYS C 53 22.09 -12.81 -51.17
CA LYS C 53 23.04 -11.72 -51.50
C LYS C 53 23.14 -10.68 -50.40
N LEU C 54 22.37 -10.79 -49.33
CA LEU C 54 22.36 -9.69 -48.38
C LEU C 54 23.72 -9.50 -47.73
N ASN C 55 24.49 -10.58 -47.60
CA ASN C 55 25.83 -10.44 -47.05
C ASN C 55 26.79 -9.80 -48.04
N ASP C 56 26.44 -9.81 -49.34
CA ASP C 56 27.23 -9.13 -50.35
C ASP C 56 26.84 -7.68 -50.54
N LEU C 57 25.59 -7.33 -50.24
CA LEU C 57 25.10 -5.99 -50.51
C LEU C 57 25.55 -5.01 -49.43
N CYS C 58 25.53 -3.73 -49.80
CA CYS C 58 25.83 -2.64 -48.87
C CYS C 58 24.77 -1.54 -49.03
N PHE C 59 24.44 -0.89 -47.91
CA PHE C 59 23.39 0.11 -47.91
C PHE C 59 23.79 1.32 -47.06
N THR C 60 23.22 2.47 -47.41
CA THR C 60 23.42 3.68 -46.61
C THR C 60 22.86 3.48 -45.20
N ASN C 61 21.58 3.12 -45.11
CA ASN C 61 20.94 2.82 -43.84
C ASN C 61 20.05 1.60 -44.01
N VAL C 62 19.80 0.94 -42.89
CA VAL C 62 18.83 -0.14 -42.80
C VAL C 62 17.90 0.17 -41.63
N TYR C 63 16.61 0.20 -41.90
CA TYR C 63 15.61 0.44 -40.87
C TYR C 63 14.96 -0.88 -40.50
N ALA C 64 14.88 -1.16 -39.20
CA ALA C 64 14.25 -2.37 -38.68
C ALA C 64 12.98 -1.93 -37.94
N ASP C 65 11.83 -2.34 -38.48
CA ASP C 65 10.53 -2.07 -37.85
C ASP C 65 10.03 -3.35 -37.19
N SER C 66 9.67 -3.26 -35.91
CA SER C 66 9.25 -4.43 -35.16
C SER C 66 7.92 -4.19 -34.47
N PHE C 67 7.09 -5.24 -34.43
CA PHE C 67 5.76 -5.19 -33.83
C PHE C 67 5.28 -6.63 -33.68
N VAL C 68 4.08 -6.78 -33.12
CA VAL C 68 3.43 -8.07 -32.98
C VAL C 68 2.07 -8.02 -33.67
N ILE C 69 1.71 -9.11 -34.35
CA ILE C 69 0.39 -9.25 -34.96
C ILE C 69 -0.06 -10.69 -34.81
N ARG C 70 -1.29 -10.95 -35.26
CA ARG C 70 -1.80 -12.32 -35.34
C ARG C 70 -1.07 -13.08 -36.45
N GLY C 71 -0.96 -14.39 -36.25
CA GLY C 71 -0.30 -15.22 -37.25
C GLY C 71 -0.96 -15.13 -38.61
N ASP C 72 -2.29 -15.18 -38.66
CA ASP C 72 -2.97 -15.10 -39.94
C ASP C 72 -2.86 -13.73 -40.59
N GLU C 73 -2.21 -12.76 -39.94
CA GLU C 73 -2.07 -11.42 -40.47
C GLU C 73 -0.68 -11.15 -41.03
N VAL C 74 0.25 -12.11 -40.90
CA VAL C 74 1.59 -11.89 -41.44
C VAL C 74 1.53 -11.69 -42.95
N ARG C 75 0.52 -12.27 -43.63
CA ARG C 75 0.23 -12.03 -45.04
C ARG C 75 0.29 -10.55 -45.39
N GLN C 76 -0.31 -9.72 -44.53
CA GLN C 76 -0.52 -8.32 -44.83
C GLN C 76 0.77 -7.51 -44.77
N ILE C 77 1.81 -8.02 -44.11
CA ILE C 77 3.11 -7.37 -44.13
C ILE C 77 3.82 -7.76 -45.41
N ALA C 78 3.31 -7.26 -46.53
CA ALA C 78 3.85 -7.57 -47.85
C ALA C 78 3.34 -6.51 -48.83
N PRO C 79 4.03 -6.30 -49.94
CA PRO C 79 3.58 -5.29 -50.90
C PRO C 79 2.18 -5.59 -51.41
N GLY C 80 1.38 -4.53 -51.57
CA GLY C 80 0.09 -4.62 -52.22
C GLY C 80 -0.89 -5.60 -51.60
N GLN C 81 -1.05 -5.53 -50.28
CA GLN C 81 -2.01 -6.35 -49.55
C GLN C 81 -3.07 -5.45 -48.93
N THR C 82 -4.12 -6.09 -48.43
CA THR C 82 -5.21 -5.39 -47.78
C THR C 82 -5.61 -6.14 -46.52
N GLY C 83 -6.43 -5.47 -45.70
CA GLY C 83 -6.81 -5.95 -44.39
C GLY C 83 -6.61 -4.88 -43.35
N LYS C 84 -7.00 -5.21 -42.11
CA LYS C 84 -6.98 -4.21 -41.05
C LYS C 84 -5.55 -3.78 -40.73
N ILE C 85 -4.59 -4.70 -40.80
CA ILE C 85 -3.20 -4.35 -40.50
C ILE C 85 -2.61 -3.50 -41.61
N ALA C 86 -2.81 -3.91 -42.87
CA ALA C 86 -2.24 -3.16 -43.99
C ALA C 86 -2.90 -1.81 -44.14
N ASP C 87 -4.22 -1.75 -44.00
CA ASP C 87 -4.93 -0.48 -44.20
C ASP C 87 -4.69 0.47 -43.04
N TYR C 88 -4.80 -0.01 -41.80
CA TYR C 88 -4.92 0.88 -40.65
C TYR C 88 -3.74 0.83 -39.69
N ASN C 89 -2.74 -0.02 -39.92
CA ASN C 89 -1.71 -0.18 -38.89
C ASN C 89 -0.28 -0.07 -39.44
N TYR C 90 0.02 -0.79 -40.51
CA TYR C 90 1.39 -0.81 -41.03
C TYR C 90 1.32 -1.12 -42.51
N LYS C 91 1.59 -0.12 -43.35
CA LYS C 91 1.46 -0.24 -44.80
C LYS C 91 2.84 -0.35 -45.43
N LEU C 92 3.12 -1.51 -46.00
CA LEU C 92 4.26 -1.62 -46.89
C LEU C 92 3.89 -1.07 -48.27
N PRO C 93 4.72 -0.23 -48.87
CA PRO C 93 4.41 0.28 -50.20
C PRO C 93 4.51 -0.82 -51.24
N ASP C 94 3.72 -0.68 -52.30
CA ASP C 94 3.83 -1.62 -53.42
C ASP C 94 5.24 -1.66 -53.98
N ASP C 95 6.02 -0.60 -53.77
CA ASP C 95 7.42 -0.52 -54.19
C ASP C 95 8.32 -0.50 -52.96
N PHE C 96 8.34 -1.61 -52.22
CA PHE C 96 9.16 -1.75 -51.03
C PHE C 96 10.31 -2.68 -51.33
N THR C 97 11.53 -2.18 -51.22
CA THR C 97 12.71 -3.04 -51.28
C THR C 97 13.09 -3.38 -49.85
N GLY C 98 13.13 -4.67 -49.52
CA GLY C 98 13.52 -5.07 -48.19
C GLY C 98 13.06 -6.49 -47.89
N CYS C 99 13.07 -6.82 -46.61
CA CYS C 99 12.75 -8.15 -46.13
C CYS C 99 11.77 -8.07 -44.98
N VAL C 100 10.90 -9.08 -44.90
CA VAL C 100 9.97 -9.28 -43.80
C VAL C 100 10.35 -10.56 -43.09
N ILE C 101 10.56 -10.48 -41.77
CA ILE C 101 10.90 -11.64 -40.96
C ILE C 101 9.91 -11.74 -39.80
N ALA C 102 9.34 -12.93 -39.63
CA ALA C 102 8.31 -13.14 -38.62
C ALA C 102 8.51 -14.50 -37.96
N TRP C 103 8.27 -14.57 -36.64
CA TRP C 103 8.33 -15.84 -35.94
C TRP C 103 7.27 -15.89 -34.84
N ASN C 104 6.79 -17.10 -34.57
CA ASN C 104 5.76 -17.31 -33.57
C ASN C 104 6.27 -16.93 -32.19
N SER C 105 5.49 -16.13 -31.47
CA SER C 105 5.88 -15.62 -30.17
C SER C 105 4.85 -15.96 -29.10
N ASN C 106 4.16 -17.09 -29.26
CA ASN C 106 3.19 -17.54 -28.26
C ASN C 106 3.82 -17.62 -26.87
N ASN C 107 5.03 -18.19 -26.77
CA ASN C 107 5.71 -18.31 -25.49
C ASN C 107 6.04 -16.97 -24.88
N LEU C 108 6.14 -15.91 -25.70
CA LEU C 108 6.58 -14.62 -25.21
C LEU C 108 5.45 -13.62 -25.06
N ASP C 109 4.33 -13.81 -25.76
CA ASP C 109 3.28 -12.80 -25.79
C ASP C 109 1.91 -13.33 -25.42
N SER C 110 1.77 -14.59 -25.06
CA SER C 110 0.52 -15.14 -24.59
C SER C 110 0.64 -15.57 -23.12
N LYS C 111 -0.51 -15.59 -22.45
CA LYS C 111 -0.65 -16.09 -21.08
C LYS C 111 -2.07 -16.63 -20.94
N VAL C 112 -2.28 -17.46 -19.91
CA VAL C 112 -3.51 -18.25 -19.86
C VAL C 112 -4.74 -17.38 -19.67
N GLY C 113 -4.62 -16.24 -19.02
CA GLY C 113 -5.80 -15.38 -18.94
C GLY C 113 -6.04 -14.54 -20.17
N GLY C 114 -5.06 -14.48 -21.07
CA GLY C 114 -5.15 -13.59 -22.20
C GLY C 114 -4.25 -12.39 -21.98
N ASN C 115 -3.36 -12.14 -22.92
CA ASN C 115 -2.56 -10.92 -22.91
C ASN C 115 -3.29 -9.89 -23.75
N TYR C 116 -3.67 -8.78 -23.12
CA TYR C 116 -4.37 -7.68 -23.79
C TYR C 116 -3.48 -6.46 -23.95
N ASN C 117 -2.18 -6.59 -23.72
CA ASN C 117 -1.25 -5.48 -23.84
C ASN C 117 -0.90 -5.13 -25.29
N TYR C 118 -1.28 -5.96 -26.26
CA TYR C 118 -1.01 -5.71 -27.66
C TYR C 118 -2.27 -5.17 -28.33
N LEU C 119 -2.12 -4.07 -29.07
CA LEU C 119 -3.24 -3.34 -29.63
C LEU C 119 -3.13 -3.22 -31.14
N TYR C 120 -4.26 -2.96 -31.78
CA TYR C 120 -4.28 -2.66 -33.21
C TYR C 120 -5.41 -1.68 -33.49
N ARG C 121 -5.22 -0.87 -34.54
CA ARG C 121 -6.23 0.09 -34.95
C ARG C 121 -7.30 -0.60 -35.78
N LEU C 122 -8.54 -0.55 -35.30
CA LEU C 122 -9.64 -1.21 -35.98
C LEU C 122 -10.40 -0.29 -36.92
N PHE C 123 -10.34 1.03 -36.69
CA PHE C 123 -11.17 1.98 -37.42
C PHE C 123 -10.34 3.18 -37.82
N ARG C 124 -10.56 3.64 -39.05
CA ARG C 124 -9.86 4.80 -39.56
C ARG C 124 -10.62 5.34 -40.76
N LYS C 125 -10.61 6.67 -40.92
CA LYS C 125 -11.34 7.31 -42.01
C LYS C 125 -10.84 6.83 -43.36
N SER C 126 -9.53 6.61 -43.48
CA SER C 126 -8.93 6.18 -44.74
C SER C 126 -7.71 5.32 -44.45
N ASN C 127 -7.25 4.62 -45.49
CA ASN C 127 -6.07 3.78 -45.37
C ASN C 127 -4.83 4.63 -45.16
N LEU C 128 -3.87 4.10 -44.41
CA LEU C 128 -2.59 4.76 -44.23
C LEU C 128 -1.82 4.81 -45.55
N LYS C 129 -0.95 5.79 -45.67
CA LYS C 129 0.01 5.81 -46.75
C LYS C 129 1.15 4.87 -46.40
N PRO C 130 2.01 4.54 -47.37
CA PRO C 130 3.16 3.68 -47.06
C PRO C 130 3.98 4.23 -45.90
N PHE C 131 4.30 3.34 -44.95
CA PHE C 131 5.09 3.65 -43.76
C PHE C 131 4.47 4.78 -42.92
N GLU C 132 3.20 5.08 -43.12
CA GLU C 132 2.51 6.01 -42.23
C GLU C 132 2.25 5.33 -40.88
N ARG C 133 2.29 6.14 -39.83
CA ARG C 133 2.22 5.65 -38.45
C ARG C 133 1.24 6.52 -37.69
N ASP C 134 0.12 5.93 -37.24
CA ASP C 134 -0.92 6.66 -36.51
C ASP C 134 -1.02 6.11 -35.09
N ILE C 135 -0.84 6.98 -34.10
CA ILE C 135 -1.05 6.61 -32.72
C ILE C 135 -2.06 7.57 -32.08
N SER C 136 -2.98 8.07 -32.89
CA SER C 136 -4.03 8.96 -32.41
C SER C 136 -5.21 8.15 -31.91
N THR C 137 -5.86 8.64 -30.85
CA THR C 137 -6.99 7.98 -30.24
C THR C 137 -8.30 8.72 -30.53
N GLU C 138 -8.39 9.36 -31.70
CA GLU C 138 -9.61 10.05 -32.07
C GLU C 138 -10.78 9.09 -32.07
N ILE C 139 -11.84 9.43 -31.33
CA ILE C 139 -13.03 8.61 -31.29
C ILE C 139 -13.68 8.60 -32.67
N TYR C 140 -13.96 7.41 -33.18
CA TYR C 140 -14.31 7.21 -34.59
C TYR C 140 -15.81 7.34 -34.83
N GLN C 141 -16.16 7.97 -35.96
CA GLN C 141 -17.53 8.35 -36.29
C GLN C 141 -18.17 7.25 -37.12
N ALA C 142 -18.74 6.25 -36.43
CA ALA C 142 -19.35 5.12 -37.11
C ALA C 142 -20.69 5.48 -37.74
N GLY C 143 -21.54 6.19 -36.99
CA GLY C 143 -22.74 6.80 -37.54
C GLY C 143 -22.50 8.26 -37.89
N SER C 144 -23.60 8.97 -38.10
CA SER C 144 -23.51 10.38 -38.47
C SER C 144 -23.68 11.32 -37.31
N THR C 145 -24.10 10.82 -36.15
CA THR C 145 -24.30 11.68 -35.00
C THR C 145 -22.94 11.95 -34.34
N PRO C 146 -22.66 13.19 -33.94
CA PRO C 146 -21.30 13.55 -33.55
C PRO C 146 -20.89 12.89 -32.24
N CYS C 147 -19.58 12.60 -32.14
CA CYS C 147 -19.07 11.91 -30.97
C CYS C 147 -18.75 12.86 -29.83
N ASN C 148 -18.24 14.04 -30.15
CA ASN C 148 -17.85 15.03 -29.15
C ASN C 148 -16.88 14.42 -28.14
N GLY C 149 -15.95 13.62 -28.64
CA GLY C 149 -14.86 13.11 -27.81
C GLY C 149 -15.30 12.25 -26.64
N VAL C 150 -16.38 11.48 -26.79
CA VAL C 150 -16.84 10.58 -25.75
C VAL C 150 -17.16 9.24 -26.39
N GLU C 151 -16.77 8.16 -25.71
CA GLU C 151 -17.10 6.82 -26.18
C GLU C 151 -18.59 6.54 -26.01
N GLY C 152 -19.15 5.80 -26.95
CA GLY C 152 -20.52 5.36 -26.82
C GLY C 152 -20.91 4.49 -27.98
N PHE C 153 -22.21 4.27 -28.13
CA PHE C 153 -22.70 3.65 -29.35
C PHE C 153 -22.36 4.54 -30.54
N ASN C 154 -21.75 3.95 -31.57
CA ASN C 154 -21.31 4.63 -32.79
C ASN C 154 -20.12 5.55 -32.56
N CYS C 155 -19.46 5.44 -31.42
CA CYS C 155 -18.28 6.24 -31.14
C CYS C 155 -17.30 5.26 -30.50
N TYR C 156 -16.60 4.53 -31.36
CA TYR C 156 -15.69 3.49 -30.91
C TYR C 156 -14.31 4.08 -30.71
N PHE C 157 -13.73 3.86 -29.55
CA PHE C 157 -12.30 4.00 -29.39
C PHE C 157 -11.60 3.22 -30.50
N PRO C 158 -10.63 3.83 -31.20
CA PRO C 158 -10.12 3.21 -32.42
C PRO C 158 -9.19 2.03 -32.18
N LEU C 159 -8.67 1.85 -30.97
CA LEU C 159 -7.75 0.78 -30.64
C LEU C 159 -8.50 -0.40 -30.01
N GLN C 160 -7.98 -1.59 -30.25
CA GLN C 160 -8.58 -2.81 -29.72
C GLN C 160 -7.47 -3.82 -29.51
N SER C 161 -7.61 -4.66 -28.48
CA SER C 161 -6.53 -5.58 -28.13
C SER C 161 -6.75 -6.94 -28.75
N TYR C 162 -5.64 -7.59 -29.12
CA TYR C 162 -5.70 -9.00 -29.43
C TYR C 162 -5.94 -9.79 -28.15
N GLY C 163 -6.60 -10.93 -28.29
CA GLY C 163 -6.74 -11.82 -27.15
C GLY C 163 -5.73 -12.95 -27.21
N PHE C 164 -4.53 -12.72 -26.67
CA PHE C 164 -3.42 -13.68 -26.82
C PHE C 164 -3.43 -14.66 -25.66
N GLN C 165 -3.98 -15.85 -25.89
CA GLN C 165 -3.94 -17.01 -25.01
C GLN C 165 -3.14 -18.13 -25.68
N PRO C 166 -2.28 -18.83 -24.95
CA PRO C 166 -1.38 -19.79 -25.61
C PRO C 166 -2.10 -20.96 -26.25
N THR C 167 -3.37 -21.20 -25.90
CA THR C 167 -4.16 -22.25 -26.52
C THR C 167 -4.92 -21.76 -27.75
N ASN C 168 -4.68 -20.52 -28.18
CA ASN C 168 -5.23 -20.05 -29.45
C ASN C 168 -4.73 -20.90 -30.60
N GLY C 169 -5.53 -20.99 -31.65
CA GLY C 169 -5.04 -21.54 -32.91
C GLY C 169 -3.89 -20.71 -33.42
N VAL C 170 -2.97 -21.37 -34.13
CA VAL C 170 -1.74 -20.68 -34.54
C VAL C 170 -2.04 -19.44 -35.36
N GLY C 171 -3.13 -19.46 -36.16
CA GLY C 171 -3.56 -18.27 -36.87
C GLY C 171 -3.88 -17.09 -35.97
N TYR C 172 -4.26 -17.35 -34.71
CA TYR C 172 -4.58 -16.30 -33.77
C TYR C 172 -3.49 -16.08 -32.74
N GLN C 173 -2.36 -16.79 -32.85
CA GLN C 173 -1.29 -16.61 -31.88
C GLN C 173 -0.42 -15.41 -32.26
N PRO C 174 0.24 -14.82 -31.29
CA PRO C 174 1.07 -13.64 -31.59
C PRO C 174 2.31 -14.05 -32.37
N TYR C 175 2.68 -13.21 -33.32
CA TYR C 175 3.92 -13.36 -34.07
C TYR C 175 4.69 -12.06 -33.99
N ARG C 176 5.98 -12.15 -33.65
CA ARG C 176 6.88 -11.01 -33.71
C ARG C 176 7.34 -10.82 -35.15
N VAL C 177 7.35 -9.57 -35.61
CA VAL C 177 7.64 -9.26 -37.00
C VAL C 177 8.73 -8.19 -37.03
N VAL C 178 9.75 -8.41 -37.85
CA VAL C 178 10.80 -7.42 -38.08
C VAL C 178 10.85 -7.13 -39.57
N VAL C 179 10.75 -5.85 -39.93
CA VAL C 179 10.75 -5.41 -41.31
C VAL C 179 12.02 -4.61 -41.54
N LEU C 180 12.93 -5.14 -42.36
CA LEU C 180 14.13 -4.43 -42.77
C LEU C 180 13.87 -3.75 -44.11
N SER C 181 13.96 -2.42 -44.13
CA SER C 181 13.84 -1.66 -45.36
C SER C 181 15.23 -1.20 -45.76
N PHE C 182 15.66 -1.58 -46.96
CA PHE C 182 17.02 -1.34 -47.43
C PHE C 182 17.06 -0.07 -48.27
N GLU C 183 18.05 0.78 -48.00
CA GLU C 183 18.09 2.14 -48.53
C GLU C 183 19.50 2.46 -49.01
N LEU C 184 19.61 2.88 -50.26
CA LEU C 184 20.88 3.29 -50.86
C LEU C 184 20.76 4.73 -51.34
N LEU C 185 21.53 5.63 -50.73
CA LEU C 185 21.35 7.05 -50.99
C LEU C 185 22.66 7.77 -51.32
N HIS C 186 22.61 9.10 -51.37
CA HIS C 186 23.79 9.89 -51.65
C HIS C 186 24.87 9.74 -50.57
N ALA C 187 24.46 9.38 -49.34
CA ALA C 187 25.42 9.12 -48.28
C ALA C 187 26.07 7.74 -48.49
N PRO C 188 27.28 7.55 -47.98
CA PRO C 188 27.98 6.28 -48.24
C PRO C 188 27.23 5.07 -47.68
N ALA C 189 27.50 3.91 -48.28
CA ALA C 189 26.83 2.66 -47.92
C ALA C 189 27.65 1.96 -46.85
N THR C 190 27.39 2.32 -45.58
CA THR C 190 28.23 1.91 -44.47
C THR C 190 27.68 0.70 -43.71
N VAL C 191 26.66 0.03 -44.24
CA VAL C 191 26.15 -1.21 -43.66
C VAL C 191 26.42 -2.34 -44.65
N CYS C 192 27.29 -3.27 -44.27
CA CYS C 192 27.75 -4.29 -45.20
C CYS C 192 27.81 -5.64 -44.50
N GLY C 193 28.02 -6.69 -45.30
CA GLY C 193 28.26 -8.01 -44.77
C GLY C 193 29.74 -8.22 -44.51
N PRO C 194 30.12 -9.44 -44.10
CA PRO C 194 31.51 -9.80 -43.81
C PRO C 194 32.44 -9.65 -45.01
N GLN D 25 -4.40 -29.29 -6.71
CA GLN D 25 -3.79 -27.97 -6.56
C GLN D 25 -2.50 -27.87 -7.37
N VAL D 26 -2.05 -26.63 -7.59
CA VAL D 26 -0.85 -26.38 -8.38
C VAL D 26 0.37 -26.69 -7.52
N GLN D 27 1.21 -27.60 -8.00
CA GLN D 27 2.35 -28.08 -7.24
C GLN D 27 3.57 -28.18 -8.14
N LEU D 28 4.73 -27.86 -7.56
CA LEU D 28 6.02 -28.09 -8.18
C LEU D 28 6.85 -28.92 -7.21
N VAL D 29 7.07 -30.19 -7.55
CA VAL D 29 7.66 -31.17 -6.65
C VAL D 29 9.13 -31.35 -7.03
N GLN D 30 10.03 -30.88 -6.18
CA GLN D 30 11.46 -30.89 -6.47
C GLN D 30 12.16 -32.08 -5.82
N SER D 31 13.23 -32.53 -6.46
CA SER D 31 14.01 -33.66 -5.98
C SER D 31 14.80 -33.28 -4.74
N GLY D 32 15.45 -34.29 -4.13
CA GLY D 32 16.03 -34.15 -2.82
C GLY D 32 17.41 -33.51 -2.81
N ALA D 33 17.84 -33.13 -1.61
CA ALA D 33 19.08 -32.41 -1.40
C ALA D 33 20.29 -33.23 -1.88
N GLU D 34 21.28 -32.51 -2.42
CA GLU D 34 22.43 -33.11 -3.06
C GLU D 34 23.71 -32.65 -2.35
N VAL D 35 24.67 -33.57 -2.25
CA VAL D 35 25.96 -33.31 -1.65
C VAL D 35 27.00 -33.55 -2.74
N LYS D 36 27.68 -32.49 -3.15
CA LYS D 36 28.56 -32.54 -4.31
C LYS D 36 29.94 -32.04 -3.92
N LYS D 37 30.92 -32.49 -4.70
CA LYS D 37 32.30 -32.07 -4.59
C LYS D 37 32.63 -31.05 -5.67
N PRO D 38 33.67 -30.24 -5.47
CA PRO D 38 34.06 -29.28 -6.51
C PRO D 38 34.33 -29.97 -7.83
N GLY D 39 33.97 -29.29 -8.91
CA GLY D 39 34.12 -29.82 -10.25
C GLY D 39 33.10 -30.87 -10.63
N ALA D 40 32.23 -31.28 -9.72
CA ALA D 40 31.25 -32.32 -10.00
C ALA D 40 30.09 -31.74 -10.80
N SER D 41 29.05 -32.54 -10.97
CA SER D 41 27.88 -32.19 -11.75
C SER D 41 26.64 -32.51 -10.91
N VAL D 42 25.57 -31.74 -11.08
CA VAL D 42 24.31 -32.02 -10.43
C VAL D 42 23.17 -31.80 -11.40
N LYS D 43 22.16 -32.68 -11.34
CA LYS D 43 20.95 -32.57 -12.14
C LYS D 43 19.76 -32.58 -11.20
N LEU D 44 18.96 -31.52 -11.24
CA LEU D 44 17.81 -31.35 -10.36
C LEU D 44 16.52 -31.48 -11.18
N SER D 45 15.46 -31.93 -10.52
CA SER D 45 14.20 -32.18 -11.18
C SER D 45 13.08 -31.39 -10.53
N CYS D 46 12.05 -31.10 -11.31
CA CYS D 46 10.91 -30.32 -10.86
C CYS D 46 9.67 -30.86 -11.57
N LYS D 47 8.83 -31.59 -10.85
CA LYS D 47 7.64 -32.20 -11.44
C LYS D 47 6.43 -31.31 -11.20
N ALA D 48 5.75 -30.94 -12.29
CA ALA D 48 4.60 -30.05 -12.22
C ALA D 48 3.30 -30.85 -12.26
N SER D 49 2.30 -30.31 -11.57
CA SER D 49 0.97 -30.93 -11.56
C SER D 49 -0.05 -29.85 -11.24
N GLY D 50 -1.31 -30.13 -11.55
CA GLY D 50 -2.37 -29.22 -11.27
C GLY D 50 -2.53 -28.08 -12.25
N TYR D 51 -1.86 -28.12 -13.40
CA TYR D 51 -2.03 -27.08 -14.40
C TYR D 51 -1.47 -27.57 -15.72
N SER D 52 -1.67 -26.76 -16.76
CA SER D 52 -1.24 -27.13 -18.11
C SER D 52 0.26 -26.91 -18.22
N PHE D 53 1.02 -27.99 -18.17
CA PHE D 53 2.48 -27.91 -18.14
C PHE D 53 3.03 -27.10 -19.30
N THR D 54 2.37 -27.15 -20.46
CA THR D 54 2.87 -26.49 -21.66
C THR D 54 2.36 -25.07 -21.84
N SER D 55 1.70 -24.50 -20.83
CA SER D 55 1.21 -23.13 -20.92
C SER D 55 2.07 -22.12 -20.16
N TYR D 56 3.09 -22.57 -19.43
CA TYR D 56 3.83 -21.67 -18.55
C TYR D 56 5.32 -21.95 -18.66
N TRP D 57 6.11 -20.90 -18.46
CA TRP D 57 7.54 -21.07 -18.30
C TRP D 57 7.85 -21.70 -16.95
N VAL D 58 8.92 -22.50 -16.93
CA VAL D 58 9.49 -23.03 -15.70
C VAL D 58 10.86 -22.37 -15.51
N ASN D 59 11.01 -21.64 -14.41
CA ASN D 59 12.22 -20.89 -14.13
C ASN D 59 13.03 -21.61 -13.06
N TRP D 60 14.34 -21.40 -13.09
CA TRP D 60 15.22 -21.90 -12.05
C TRP D 60 15.87 -20.72 -11.35
N VAL D 61 15.68 -20.63 -10.04
CA VAL D 61 16.14 -19.53 -9.20
C VAL D 61 16.83 -20.12 -7.98
N ARG D 62 18.03 -19.63 -7.66
CA ARG D 62 18.82 -20.18 -6.57
C ARG D 62 19.07 -19.11 -5.51
N GLN D 63 19.38 -19.59 -4.32
CA GLN D 63 19.54 -18.76 -3.13
C GLN D 63 20.68 -19.35 -2.30
N ALA D 64 21.86 -18.73 -2.36
CA ALA D 64 22.92 -19.12 -1.46
C ALA D 64 22.49 -18.85 -0.01
N PRO D 65 22.95 -19.66 0.95
CA PRO D 65 22.49 -19.51 2.34
C PRO D 65 22.64 -18.11 2.89
N GLY D 66 21.53 -17.51 3.29
CA GLY D 66 21.55 -16.16 3.84
C GLY D 66 21.52 -15.05 2.82
N GLN D 67 21.35 -15.36 1.54
CA GLN D 67 21.46 -14.41 0.46
C GLN D 67 20.12 -14.19 -0.20
N GLY D 68 20.10 -13.28 -1.17
CA GLY D 68 18.94 -13.06 -2.00
C GLY D 68 18.85 -14.07 -3.12
N LEU D 69 18.02 -13.76 -4.11
CA LEU D 69 17.67 -14.72 -5.14
C LEU D 69 18.44 -14.43 -6.43
N GLU D 70 18.76 -15.50 -7.16
CA GLU D 70 19.51 -15.41 -8.40
C GLU D 70 18.83 -16.26 -9.46
N TRP D 71 18.37 -15.62 -10.54
CA TRP D 71 17.70 -16.31 -11.62
C TRP D 71 18.72 -16.98 -12.53
N ILE D 72 18.54 -18.29 -12.76
CA ILE D 72 19.46 -19.06 -13.58
C ILE D 72 19.01 -19.12 -15.03
N GLY D 73 17.75 -19.44 -15.26
CA GLY D 73 17.23 -19.54 -16.61
C GLY D 73 15.84 -20.13 -16.58
N MET D 74 15.23 -20.20 -17.77
CA MET D 74 13.87 -20.70 -17.86
C MET D 74 13.68 -21.45 -19.18
N ILE D 75 12.63 -22.27 -19.20
CA ILE D 75 12.29 -23.09 -20.37
C ILE D 75 10.77 -23.13 -20.49
N HIS D 76 10.28 -23.08 -21.74
CA HIS D 76 8.86 -23.26 -22.00
C HIS D 76 8.63 -24.68 -22.49
N PRO D 77 7.87 -25.50 -21.76
CA PRO D 77 7.75 -26.92 -22.15
C PRO D 77 7.09 -27.16 -23.50
N SER D 78 6.37 -26.17 -24.05
CA SER D 78 5.67 -26.40 -25.31
C SER D 78 6.64 -26.80 -26.42
N ASP D 79 7.72 -26.04 -26.58
CA ASP D 79 8.73 -26.33 -27.60
C ASP D 79 10.15 -26.25 -27.03
N SER D 80 10.31 -26.33 -25.71
CA SER D 80 11.60 -26.27 -25.05
C SER D 80 12.36 -24.98 -25.37
N GLU D 81 11.66 -23.91 -25.72
CA GLU D 81 12.33 -22.63 -25.88
C GLU D 81 12.97 -22.24 -24.56
N THR D 82 14.24 -21.85 -24.61
CA THR D 82 15.01 -21.64 -23.39
C THR D 82 15.67 -20.27 -23.42
N ARG D 83 15.77 -19.66 -22.25
CA ARG D 83 16.52 -18.42 -22.05
C ARG D 83 17.36 -18.58 -20.80
N LEU D 84 18.64 -18.22 -20.88
CA LEU D 84 19.57 -18.41 -19.79
C LEU D 84 20.11 -17.08 -19.30
N ASN D 85 20.36 -17.00 -18.00
CA ASN D 85 21.28 -16.01 -17.46
C ASN D 85 22.65 -16.33 -18.01
N GLN D 86 23.20 -15.44 -18.84
CA GLN D 86 24.47 -15.73 -19.50
C GLN D 86 25.61 -15.91 -18.50
N LYS D 87 25.42 -15.51 -17.24
CA LYS D 87 26.34 -15.89 -16.17
C LYS D 87 26.54 -17.40 -16.12
N PHE D 88 25.54 -18.18 -16.54
CA PHE D 88 25.59 -19.63 -16.48
C PHE D 88 25.61 -20.25 -17.88
N LYS D 89 25.95 -19.46 -18.90
CA LYS D 89 25.73 -19.84 -20.30
C LYS D 89 26.38 -21.17 -20.66
N ASP D 90 27.54 -21.47 -20.09
CA ASP D 90 28.31 -22.65 -20.45
C ASP D 90 28.22 -23.76 -19.42
N ARG D 91 27.56 -23.51 -18.28
CA ARG D 91 27.54 -24.45 -17.16
C ARG D 91 26.19 -25.10 -16.92
N VAL D 92 25.13 -24.64 -17.58
CA VAL D 92 23.77 -25.08 -17.29
C VAL D 92 23.11 -25.59 -18.55
N THR D 93 22.40 -26.71 -18.44
CA THR D 93 21.46 -27.15 -19.46
C THR D 93 20.11 -27.33 -18.80
N ILE D 94 19.11 -26.63 -19.31
CA ILE D 94 17.74 -26.73 -18.82
C ILE D 94 16.96 -27.53 -19.84
N THR D 95 16.36 -28.63 -19.41
CA THR D 95 15.61 -29.51 -20.29
C THR D 95 14.24 -29.75 -19.70
N VAL D 96 13.41 -30.46 -20.45
CA VAL D 96 12.04 -30.73 -20.07
C VAL D 96 11.69 -32.14 -20.55
N ASP D 97 10.75 -32.77 -19.85
CA ASP D 97 10.20 -34.06 -20.25
C ASP D 97 8.68 -33.90 -20.24
N LYS D 98 8.10 -33.76 -21.44
CA LYS D 98 6.67 -33.43 -21.54
C LYS D 98 5.80 -34.56 -21.02
N SER D 99 6.20 -35.81 -21.23
CA SER D 99 5.37 -36.96 -20.85
C SER D 99 5.28 -37.15 -19.35
N THR D 100 6.27 -36.67 -18.59
CA THR D 100 6.23 -36.75 -17.12
C THR D 100 6.05 -35.39 -16.47
N SER D 101 5.84 -34.34 -17.26
CA SER D 101 5.63 -32.99 -16.75
C SER D 101 6.74 -32.58 -15.79
N THR D 102 7.97 -32.91 -16.16
CA THR D 102 9.14 -32.65 -15.33
C THR D 102 10.10 -31.72 -16.05
N ALA D 103 10.62 -30.74 -15.33
CA ALA D 103 11.68 -29.87 -15.80
C ALA D 103 12.97 -30.22 -15.09
N TYR D 104 14.08 -30.03 -15.79
CA TYR D 104 15.38 -30.41 -15.27
C TYR D 104 16.32 -29.22 -15.33
N MET D 105 17.30 -29.22 -14.43
CA MET D 105 18.37 -28.22 -14.42
C MET D 105 19.66 -28.95 -14.08
N GLU D 106 20.59 -28.97 -15.02
CA GLU D 106 21.89 -29.61 -14.83
C GLU D 106 22.94 -28.52 -14.74
N LEU D 107 23.64 -28.46 -13.61
CA LEU D 107 24.69 -27.47 -13.39
C LEU D 107 26.01 -28.22 -13.28
N SER D 108 26.94 -27.93 -14.19
CA SER D 108 28.23 -28.60 -14.24
C SER D 108 29.33 -27.70 -13.69
N SER D 109 30.53 -28.27 -13.58
CA SER D 109 31.70 -27.57 -13.04
C SER D 109 31.37 -26.89 -11.71
N LEU D 110 30.74 -27.64 -10.82
CA LEU D 110 30.28 -27.11 -9.55
C LEU D 110 31.43 -26.52 -8.74
N ARG D 111 31.16 -25.47 -8.01
CA ARG D 111 32.16 -24.86 -7.11
C ARG D 111 31.45 -24.42 -5.83
N SER D 112 32.22 -24.26 -4.76
CA SER D 112 31.69 -23.93 -3.44
C SER D 112 30.68 -22.78 -3.50
N GLU D 113 30.86 -21.85 -4.44
CA GLU D 113 29.95 -20.73 -4.61
C GLU D 113 28.58 -21.16 -5.13
N ASP D 114 28.46 -22.36 -5.70
CA ASP D 114 27.18 -22.86 -6.17
C ASP D 114 26.31 -23.41 -5.04
N THR D 115 26.84 -23.52 -3.82
CA THR D 115 26.05 -23.98 -2.69
C THR D 115 24.86 -23.05 -2.48
N ALA D 116 23.65 -23.61 -2.57
CA ALA D 116 22.44 -22.82 -2.56
C ALA D 116 21.23 -23.75 -2.55
N VAL D 117 20.09 -23.19 -2.17
CA VAL D 117 18.81 -23.83 -2.45
C VAL D 117 18.41 -23.48 -3.88
N TYR D 118 18.08 -24.50 -4.66
CA TYR D 118 17.69 -24.32 -6.06
C TYR D 118 16.18 -24.48 -6.16
N TYR D 119 15.49 -23.40 -6.50
CA TYR D 119 14.04 -23.40 -6.63
C TYR D 119 13.66 -23.49 -8.11
N CYS D 120 12.57 -24.17 -8.39
CA CYS D 120 11.90 -24.00 -9.67
C CYS D 120 10.64 -23.18 -9.44
N ALA D 121 10.29 -22.36 -10.45
CA ALA D 121 9.19 -21.43 -10.28
C ALA D 121 8.49 -21.23 -11.62
N ARG D 122 7.18 -21.08 -11.55
CA ARG D 122 6.33 -20.93 -12.73
C ARG D 122 6.12 -19.45 -13.05
N ALA D 123 5.98 -19.16 -14.34
CA ALA D 123 5.76 -17.78 -14.76
C ALA D 123 5.03 -17.77 -16.09
N ASP D 124 4.19 -16.76 -16.28
CA ASP D 124 3.46 -16.58 -17.52
C ASP D 124 4.34 -15.89 -18.55
N GLY D 125 4.06 -16.16 -19.82
CA GLY D 125 4.63 -15.34 -20.87
C GLY D 125 4.23 -13.89 -20.70
N TYR D 126 5.11 -13.00 -21.16
CA TYR D 126 4.92 -11.54 -21.14
C TYR D 126 4.96 -10.96 -19.74
N GLU D 127 4.69 -11.75 -18.71
CA GLU D 127 4.72 -11.26 -17.33
C GLU D 127 6.04 -11.59 -16.64
N TRP D 128 6.34 -12.89 -16.50
CA TRP D 128 7.60 -13.37 -15.92
C TRP D 128 7.80 -12.89 -14.49
N TYR D 129 6.71 -12.86 -13.72
CA TYR D 129 6.80 -12.95 -12.28
C TYR D 129 6.44 -14.37 -11.85
N PHE D 130 6.88 -14.74 -10.66
CA PHE D 130 6.88 -16.15 -10.26
C PHE D 130 5.79 -16.37 -9.23
N ASP D 131 4.67 -16.94 -9.68
CA ASP D 131 3.50 -17.11 -8.84
C ASP D 131 3.43 -18.47 -8.16
N VAL D 132 4.21 -19.45 -8.61
CA VAL D 132 4.26 -20.76 -7.97
C VAL D 132 5.72 -21.16 -7.83
N TRP D 133 6.07 -21.69 -6.66
CA TRP D 133 7.44 -22.05 -6.33
C TRP D 133 7.48 -23.46 -5.77
N GLY D 134 8.41 -24.27 -6.27
CA GLY D 134 8.71 -25.51 -5.61
C GLY D 134 9.34 -25.27 -4.25
N ARG D 135 9.55 -26.34 -3.51
CA ARG D 135 10.11 -26.17 -2.17
C ARG D 135 11.61 -25.92 -2.18
N GLY D 136 12.26 -26.06 -3.33
CA GLY D 136 13.69 -25.87 -3.41
C GLY D 136 14.47 -27.11 -3.08
N THR D 137 15.52 -27.37 -3.84
CA THR D 137 16.47 -28.45 -3.57
C THR D 137 17.78 -27.83 -3.09
N LEU D 138 18.25 -28.27 -1.93
CA LEU D 138 19.53 -27.82 -1.42
C LEU D 138 20.67 -28.58 -2.11
N VAL D 139 21.66 -27.83 -2.59
CA VAL D 139 22.86 -28.40 -3.19
C VAL D 139 24.04 -27.78 -2.45
N THR D 140 24.80 -28.60 -1.72
CA THR D 140 26.02 -28.12 -1.06
C THR D 140 27.23 -28.64 -1.83
N VAL D 141 28.18 -27.75 -2.07
CA VAL D 141 29.44 -28.08 -2.72
C VAL D 141 30.56 -27.88 -1.70
N SER D 142 31.29 -28.95 -1.42
CA SER D 142 32.31 -28.93 -0.38
C SER D 142 33.52 -28.12 -0.82
N SER D 143 34.42 -27.89 0.13
CA SER D 143 35.72 -27.24 -0.08
C SER D 143 35.69 -26.06 -1.06
N SER D 158 24.96 -3.30 -17.64
CA SER D 158 24.65 -4.73 -17.56
C SER D 158 23.19 -4.95 -17.18
N ASP D 159 22.97 -5.90 -16.27
CA ASP D 159 21.63 -6.25 -15.84
C ASP D 159 21.06 -5.17 -14.92
N ILE D 160 19.74 -5.10 -14.89
CA ILE D 160 19.06 -4.09 -14.08
C ILE D 160 19.27 -4.42 -12.60
N VAL D 161 19.88 -3.47 -11.87
CA VAL D 161 20.19 -3.64 -10.45
C VAL D 161 19.04 -3.07 -9.62
N LEU D 162 18.66 -3.78 -8.57
CA LEU D 162 17.56 -3.38 -7.70
C LEU D 162 18.07 -3.16 -6.29
N THR D 163 17.78 -1.99 -5.73
CA THR D 163 18.28 -1.59 -4.41
C THR D 163 17.12 -1.49 -3.43
N GLN D 164 17.15 -2.32 -2.40
CA GLN D 164 16.11 -2.35 -1.39
C GLN D 164 16.58 -1.65 -0.12
N SER D 165 15.66 -0.90 0.49
CA SER D 165 15.94 -0.12 1.66
C SER D 165 14.68 -0.14 2.51
N PRO D 166 14.77 -0.39 3.82
CA PRO D 166 16.03 -0.66 4.52
C PRO D 166 16.43 -2.11 4.37
N ALA D 167 17.69 -2.45 4.68
CA ALA D 167 18.08 -3.85 4.68
C ALA D 167 17.39 -4.63 5.78
N SER D 168 17.07 -3.95 6.88
CA SER D 168 16.44 -4.55 8.05
C SER D 168 15.42 -3.57 8.60
N LEU D 169 14.33 -4.08 9.15
CA LEU D 169 13.27 -3.24 9.69
C LEU D 169 12.64 -3.96 10.87
N ALA D 170 12.62 -3.28 12.02
CA ALA D 170 11.97 -3.78 13.23
C ALA D 170 10.72 -2.97 13.48
N VAL D 171 9.64 -3.65 13.85
CA VAL D 171 8.33 -3.02 13.94
C VAL D 171 7.51 -3.75 14.99
N SER D 172 6.56 -3.03 15.60
CA SER D 172 5.69 -3.70 16.57
C SER D 172 4.35 -4.05 15.93
N PRO D 173 3.65 -5.06 16.43
CA PRO D 173 2.37 -5.45 15.80
C PRO D 173 1.40 -4.28 15.75
N GLY D 174 0.93 -3.98 14.55
CA GLY D 174 -0.01 -2.90 14.33
C GLY D 174 0.58 -1.67 13.67
N GLN D 175 1.90 -1.52 13.66
CA GLN D 175 2.49 -0.37 13.00
C GLN D 175 2.55 -0.61 11.49
N ARG D 176 2.95 0.43 10.76
CA ARG D 176 3.08 0.31 9.31
C ARG D 176 4.53 -0.02 8.97
N ALA D 177 4.71 -0.84 7.94
CA ALA D 177 6.02 -1.17 7.41
C ALA D 177 6.08 -0.70 5.96
N THR D 178 7.14 0.05 5.63
CA THR D 178 7.32 0.65 4.31
C THR D 178 8.67 0.22 3.75
N ILE D 179 8.65 -0.53 2.65
CA ILE D 179 9.85 -1.06 2.03
C ILE D 179 9.99 -0.43 0.65
N THR D 180 11.21 -0.02 0.32
CA THR D 180 11.49 0.71 -0.90
C THR D 180 12.39 -0.13 -1.80
N CYS D 181 12.07 -0.16 -3.10
CA CYS D 181 12.91 -0.81 -4.11
C CYS D 181 13.31 0.22 -5.14
N ARG D 182 14.62 0.29 -5.43
CA ARG D 182 15.19 1.24 -6.37
C ARG D 182 15.80 0.48 -7.53
N ALA D 183 15.36 0.78 -8.75
CA ALA D 183 15.82 0.11 -9.96
C ALA D 183 16.87 0.94 -10.68
N SER D 184 17.80 0.24 -11.33
CA SER D 184 18.87 0.88 -12.10
C SER D 184 18.32 1.73 -13.23
N GLU D 185 17.33 1.20 -13.95
CA GLU D 185 16.65 1.91 -15.03
C GLU D 185 15.17 1.65 -14.87
N SER D 186 14.37 2.41 -15.62
CA SER D 186 12.92 2.21 -15.58
C SER D 186 12.58 0.78 -15.93
N VAL D 187 11.83 0.12 -15.05
CA VAL D 187 11.26 -1.19 -15.33
C VAL D 187 9.88 -1.06 -15.96
N ASP D 188 9.56 0.09 -16.55
CA ASP D 188 8.29 0.32 -17.22
C ASP D 188 8.43 0.01 -18.71
N SER D 189 7.46 -0.73 -19.24
CA SER D 189 7.43 -1.00 -20.68
C SER D 189 5.98 -1.03 -21.13
N TYR D 190 5.63 -0.13 -22.05
CA TYR D 190 4.35 -0.18 -22.74
C TYR D 190 3.18 -0.08 -21.78
N GLY D 191 3.26 0.88 -20.86
CA GLY D 191 2.19 1.15 -19.93
C GLY D 191 2.28 0.42 -18.60
N ASN D 192 2.99 -0.70 -18.54
CA ASN D 192 3.10 -1.49 -17.33
C ASN D 192 4.39 -1.17 -16.58
N SER D 193 4.37 -1.44 -15.28
CA SER D 193 5.55 -1.40 -14.43
C SER D 193 5.87 -2.83 -14.02
N PHE D 194 7.04 -3.32 -14.43
CA PHE D 194 7.37 -4.74 -14.25
C PHE D 194 8.18 -4.95 -12.98
N MET D 195 7.55 -4.58 -11.86
CA MET D 195 8.09 -4.76 -10.53
C MET D 195 7.17 -5.66 -9.73
N HIS D 196 7.74 -6.60 -8.98
CA HIS D 196 6.97 -7.59 -8.22
C HIS D 196 7.61 -7.80 -6.87
N TRP D 197 6.76 -8.13 -5.89
CA TRP D 197 7.19 -8.27 -4.50
C TRP D 197 6.93 -9.68 -3.99
N TYR D 198 7.87 -10.18 -3.19
CA TYR D 198 7.79 -11.51 -2.63
C TYR D 198 8.01 -11.46 -1.12
N GLN D 199 7.37 -12.38 -0.43
CA GLN D 199 7.59 -12.64 0.97
C GLN D 199 8.24 -14.01 1.12
N GLN D 200 9.32 -14.08 1.90
CA GLN D 200 9.96 -15.36 2.17
C GLN D 200 10.12 -15.52 3.67
N LYS D 201 9.47 -16.52 4.22
CA LYS D 201 9.55 -16.83 5.63
C LYS D 201 10.60 -17.90 5.87
N PRO D 202 11.07 -18.05 7.12
CA PRO D 202 12.15 -19.01 7.39
C PRO D 202 11.81 -20.42 6.92
N GLY D 203 12.74 -21.04 6.21
CA GLY D 203 12.56 -22.40 5.73
C GLY D 203 11.44 -22.58 4.72
N GLN D 204 11.11 -21.55 3.97
CA GLN D 204 10.04 -21.61 2.99
C GLN D 204 10.52 -20.96 1.69
N PRO D 205 9.93 -21.33 0.57
CA PRO D 205 10.23 -20.64 -0.68
C PRO D 205 9.62 -19.25 -0.67
N PRO D 206 10.05 -18.37 -1.57
CA PRO D 206 9.37 -17.08 -1.71
C PRO D 206 7.91 -17.27 -2.08
N LYS D 207 7.11 -16.26 -1.77
CA LYS D 207 5.70 -16.26 -2.10
C LYS D 207 5.33 -14.92 -2.70
N LEU D 208 4.71 -14.95 -3.88
CA LEU D 208 4.35 -13.72 -4.56
C LEU D 208 3.31 -12.95 -3.76
N LEU D 209 3.55 -11.66 -3.58
CA LEU D 209 2.59 -10.76 -2.94
C LEU D 209 1.95 -9.79 -3.93
N ILE D 210 2.77 -9.07 -4.69
CA ILE D 210 2.30 -8.01 -5.59
C ILE D 210 2.99 -8.23 -6.94
N TYR D 211 2.21 -8.16 -8.01
CA TYR D 211 2.78 -8.24 -9.36
C TYR D 211 2.47 -6.96 -10.11
N ARG D 212 3.43 -6.53 -10.92
CA ARG D 212 3.33 -5.29 -11.69
C ARG D 212 3.00 -4.11 -10.77
N ALA D 213 3.87 -3.94 -9.77
CA ALA D 213 3.94 -2.75 -8.93
C ALA D 213 2.81 -2.65 -7.92
N SER D 214 1.55 -2.86 -8.34
CA SER D 214 0.42 -2.54 -7.49
C SER D 214 -0.65 -3.62 -7.39
N ASN D 215 -0.52 -4.75 -8.10
CA ASN D 215 -1.59 -5.73 -8.17
C ASN D 215 -1.45 -6.76 -7.06
N LEU D 216 -2.45 -6.81 -6.17
CA LEU D 216 -2.49 -7.79 -5.10
C LEU D 216 -2.74 -9.19 -5.64
N GLU D 217 -1.88 -10.13 -5.27
CA GLU D 217 -2.03 -11.50 -5.74
C GLU D 217 -3.14 -12.18 -4.96
N SER D 218 -3.98 -12.92 -5.67
CA SER D 218 -5.11 -13.62 -5.05
C SER D 218 -4.64 -14.45 -3.87
N GLY D 219 -5.32 -14.29 -2.73
CA GLY D 219 -4.98 -14.99 -1.52
C GLY D 219 -4.11 -14.22 -0.56
N ILE D 220 -3.56 -13.09 -0.98
CA ILE D 220 -2.71 -12.24 -0.13
C ILE D 220 -3.58 -11.21 0.57
N PRO D 221 -3.48 -11.05 1.88
CA PRO D 221 -4.36 -10.11 2.58
C PRO D 221 -4.11 -8.67 2.14
N ALA D 222 -5.20 -7.88 2.18
CA ALA D 222 -5.16 -6.51 1.66
C ALA D 222 -4.28 -5.59 2.48
N ARG D 223 -3.76 -6.03 3.63
CA ARG D 223 -2.81 -5.22 4.38
C ARG D 223 -1.49 -5.04 3.64
N PHE D 224 -1.26 -5.77 2.54
CA PHE D 224 -0.09 -5.59 1.71
C PHE D 224 -0.45 -4.69 0.55
N SER D 225 0.33 -3.63 0.35
CA SER D 225 0.06 -2.63 -0.66
C SER D 225 1.33 -2.32 -1.44
N GLY D 226 1.20 -2.17 -2.75
CA GLY D 226 2.32 -1.84 -3.58
C GLY D 226 2.02 -0.62 -4.43
N SER D 227 3.06 0.13 -4.73
CA SER D 227 2.91 1.37 -5.49
C SER D 227 4.27 1.77 -6.04
N GLY D 228 4.25 2.68 -7.00
CA GLY D 228 5.44 3.21 -7.61
C GLY D 228 5.36 3.11 -9.12
N SER D 229 6.42 3.59 -9.76
CA SER D 229 6.56 3.53 -11.21
C SER D 229 7.96 4.01 -11.56
N GLY D 230 8.35 3.78 -12.81
CA GLY D 230 9.68 4.16 -13.23
C GLY D 230 10.74 3.35 -12.51
N THR D 231 11.43 3.98 -11.56
CA THR D 231 12.50 3.34 -10.82
C THR D 231 12.28 3.31 -9.31
N ASP D 232 11.15 3.83 -8.82
CA ASP D 232 10.89 3.94 -7.39
C ASP D 232 9.61 3.19 -7.07
N PHE D 233 9.71 2.18 -6.21
CA PHE D 233 8.57 1.31 -5.91
C PHE D 233 8.55 1.03 -4.42
N THR D 234 7.35 0.94 -3.86
CA THR D 234 7.18 0.79 -2.43
C THR D 234 6.25 -0.39 -2.16
N LEU D 235 6.65 -1.23 -1.20
CA LEU D 235 5.78 -2.23 -0.59
C LEU D 235 5.39 -1.73 0.78
N THR D 236 4.11 -1.86 1.11
CA THR D 236 3.58 -1.36 2.37
C THR D 236 2.78 -2.45 3.05
N ILE D 237 3.00 -2.63 4.35
CA ILE D 237 2.25 -3.57 5.18
C ILE D 237 1.58 -2.77 6.28
N ASN D 238 0.24 -2.79 6.28
CA ASN D 238 -0.52 -1.95 7.18
C ASN D 238 -1.89 -2.56 7.44
N PRO D 239 -2.15 -3.10 8.64
CA PRO D 239 -1.23 -3.22 9.79
C PRO D 239 -0.31 -4.43 9.71
N VAL D 240 0.80 -4.38 10.45
CA VAL D 240 1.74 -5.48 10.53
C VAL D 240 1.33 -6.40 11.67
N GLU D 241 1.15 -7.68 11.36
CA GLU D 241 0.88 -8.69 12.35
C GLU D 241 2.16 -9.43 12.67
N ALA D 242 2.16 -10.13 13.81
CA ALA D 242 3.33 -10.90 14.22
C ALA D 242 3.85 -11.75 13.09
N ASN D 243 2.98 -12.11 12.15
CA ASN D 243 3.32 -13.19 11.26
C ASN D 243 3.75 -12.71 9.87
N ASP D 244 3.98 -11.40 9.72
CA ASP D 244 4.67 -10.87 8.56
C ASP D 244 6.18 -10.87 8.74
N VAL D 245 6.69 -11.51 9.79
CA VAL D 245 8.14 -11.68 9.98
C VAL D 245 8.68 -12.51 8.83
N ALA D 246 9.46 -11.89 7.95
CA ALA D 246 9.92 -12.54 6.73
C ALA D 246 10.95 -11.66 6.04
N ASN D 247 11.54 -12.21 4.98
CA ASN D 247 12.33 -11.46 4.02
C ASN D 247 11.43 -11.05 2.87
N TYR D 248 11.46 -9.76 2.52
CA TYR D 248 10.69 -9.25 1.41
C TYR D 248 11.64 -8.87 0.28
N TYR D 249 11.38 -9.43 -0.90
CA TYR D 249 12.20 -9.21 -2.07
C TYR D 249 11.38 -8.50 -3.13
N CYS D 250 12.03 -7.59 -3.85
CA CYS D 250 11.48 -7.04 -5.07
C CYS D 250 12.16 -7.70 -6.26
N GLN D 251 11.46 -7.75 -7.40
CA GLN D 251 11.98 -8.41 -8.58
C GLN D 251 11.49 -7.67 -9.81
N GLN D 252 12.38 -7.50 -10.79
CA GLN D 252 12.01 -6.88 -12.06
C GLN D 252 12.01 -7.92 -13.17
N SER D 253 11.07 -7.77 -14.09
CA SER D 253 11.04 -8.55 -15.31
C SER D 253 10.86 -7.66 -16.52
N ASN D 254 11.38 -6.43 -16.46
CA ASN D 254 11.35 -5.56 -17.62
C ASN D 254 12.32 -6.05 -18.68
N GLU D 255 13.55 -6.35 -18.26
CA GLU D 255 14.62 -6.76 -19.16
C GLU D 255 15.24 -8.05 -18.65
N ASP D 256 15.46 -9.00 -19.55
CA ASP D 256 16.24 -10.18 -19.24
C ASP D 256 17.70 -9.78 -19.00
N PRO D 257 18.38 -10.36 -18.00
CA PRO D 257 17.89 -11.40 -17.09
C PRO D 257 17.09 -10.86 -15.90
N TRP D 258 16.11 -11.64 -15.45
CA TRP D 258 15.33 -11.25 -14.28
C TRP D 258 16.22 -11.13 -13.06
N THR D 259 16.04 -10.04 -12.31
CA THR D 259 16.88 -9.76 -11.15
C THR D 259 16.01 -9.48 -9.93
N PHE D 260 16.61 -9.66 -8.76
CA PHE D 260 15.96 -9.43 -7.47
C PHE D 260 16.77 -8.43 -6.66
N GLY D 261 16.08 -7.66 -5.83
CA GLY D 261 16.75 -6.88 -4.81
C GLY D 261 17.39 -7.79 -3.75
N GLN D 262 18.05 -7.15 -2.79
CA GLN D 262 18.77 -7.88 -1.76
C GLN D 262 17.90 -8.28 -0.58
N GLY D 263 16.69 -7.73 -0.49
CA GLY D 263 15.78 -8.12 0.57
C GLY D 263 15.72 -7.13 1.71
N THR D 264 14.52 -6.94 2.25
CA THR D 264 14.31 -6.24 3.52
C THR D 264 13.84 -7.26 4.53
N LYS D 265 14.57 -7.38 5.64
CA LYS D 265 14.18 -8.28 6.72
C LYS D 265 13.26 -7.55 7.68
N VAL D 266 12.03 -8.04 7.81
CA VAL D 266 11.05 -7.46 8.73
C VAL D 266 10.99 -8.33 9.98
N GLU D 267 11.19 -7.72 11.14
CA GLU D 267 11.08 -8.41 12.40
C GLU D 267 10.10 -7.65 13.28
N ILE D 268 9.62 -8.33 14.32
CA ILE D 268 8.55 -7.82 15.16
C ILE D 268 9.08 -7.53 16.55
N LYS D 269 8.57 -6.47 17.16
CA LYS D 269 9.00 -6.03 18.49
C LYS D 269 7.90 -6.22 19.52
#